data_3H9S
#
_entry.id   3H9S
#
_cell.length_a   223.106
_cell.length_b   48.308
_cell.length_c   92.482
_cell.angle_alpha   90.000
_cell.angle_beta   90.970
_cell.angle_gamma   90.000
#
_symmetry.space_group_name_H-M   'C 1 2 1'
#
loop_
_entity.id
_entity.type
_entity.pdbx_description
1 polymer 'HLA class I histocompatibility antigen, A-2 alpha chain'
2 polymer Beta-2-microglobulin
3 polymer 'Tel1p peptide'
4 polymer 'A6 TCR alpha chain'
5 polymer 'TRBV6-5 protein'
6 non-polymer GLYCEROL
7 water water
#
loop_
_entity_poly.entity_id
_entity_poly.type
_entity_poly.pdbx_seq_one_letter_code
_entity_poly.pdbx_strand_id
1 'polypeptide(L)'
;GSHSMRYFFTSVSRPGRGEPRFIAVGYVDDTQFVRFDSDAASQRMEPRAPWIEQEGPEYWDGETRKVKAHSQTHRVDLGT
LRGYYNQSEAGSHTVQRMYGCDVGSDWRFLRGYHQYAYDGKDYIALKEDLRSWTAADMAAQTTKHKWEAAHVAEQLRAYL
EGTCVEWLRRYLENGKETLQRTDAPKTHMTHHAVSDHEATLRCWALSFYPAEITLTWQRDGEDQTQDTELVETRPAGDGT
FQKWAAVVVPSGQEQRYTCHVQHEGLPKPLTLRWE
;
A
2 'polypeptide(L)'
;MIQRTPKIQVYSRHPAENGKSNFLNCYVSGFHPSDIEVDLLKNGERIEKVEHSDLSFSKDWSFYLLYYTEFTPTEKDEYA
CRVNHVTLSQPKIVKWDRDM
;
B
3 'polypeptide(L)' MLWGYLQYV C
4 'polypeptide(L)'
;KEVEQNSGPLSVPEGAIASLNCTYSDRGSQSFFWYRQYSGKSPELIMSIYSNGDKEDGRFTAQLNKASQYVSLLIRDSQP
SDSATYLCAVTTDSWGKLQFGAGTQVVVTPDIQNPDPAVYQLRDSKSSDKSVCLFTDFDSQTNVSQSKDSDVYITDKTVL
DMRSMDFKSNSAVAWSNKSDFACANAFNNSIIPEDTFFPS
;
D
5 'polypeptide(L)'
;NAGVTQTPKFQVLKTGQSMTLQCAQDMNHEYMSWYRQDPGMGLRLIHYSVGAGITDQGEVPNGYNVSRSTTEDFPLRLLS
AAPSQTSVYFCASRPGLAGGRPEQYFGPGTRLTVTEDLKNVFPPEVAVFEPSEAEISHTQKATLVCLATGFYPDHVELSW
WVNGKEVHSGVSTDPQPLKEQPALNDSRYALSSRLRVSATFWQDPRNHFRCQVQFYGLSENDEWTQDRAKPVTQIVSAEA
WGRAD
;
E
#
# COMPACT_ATOMS: atom_id res chain seq x y z
N GLY A 1 -23.51 -9.77 -22.48
CA GLY A 1 -24.15 -8.46 -22.15
C GLY A 1 -23.39 -7.74 -21.06
N SER A 2 -24.12 -7.18 -20.09
CA SER A 2 -23.51 -6.52 -18.92
C SER A 2 -22.84 -7.55 -18.05
N HIS A 3 -21.93 -7.11 -17.21
CA HIS A 3 -21.30 -8.04 -16.29
C HIS A 3 -21.13 -7.43 -14.92
N SER A 4 -20.81 -8.25 -13.93
CA SER A 4 -20.55 -7.72 -12.61
C SER A 4 -19.52 -8.54 -11.89
N MET A 5 -18.83 -7.90 -10.97
CA MET A 5 -18.03 -8.61 -10.00
C MET A 5 -18.47 -8.11 -8.66
N ARG A 6 -18.94 -9.00 -7.78
CA ARG A 6 -19.41 -8.64 -6.44
C ARG A 6 -18.78 -9.52 -5.33
N TYR A 7 -18.51 -8.89 -4.19
CA TYR A 7 -18.01 -9.61 -3.02
C TYR A 7 -18.96 -9.37 -1.88
N PHE A 8 -19.37 -10.43 -1.19
CA PHE A 8 -20.35 -10.34 -0.13
C PHE A 8 -19.67 -10.77 1.16
N PHE A 9 -19.92 -10.07 2.25
CA PHE A 9 -19.20 -10.35 3.51
C PHE A 9 -20.18 -10.42 4.64
N THR A 10 -20.08 -11.45 5.48
CA THR A 10 -21.01 -11.59 6.61
C THR A 10 -20.25 -11.78 7.88
N SER A 11 -20.57 -10.96 8.88
CA SER A 11 -19.91 -11.10 10.15
C SER A 11 -20.92 -11.29 11.25
N VAL A 12 -20.85 -12.38 12.01
CA VAL A 12 -21.84 -12.51 13.11
C VAL A 12 -21.20 -12.77 14.45
N SER A 13 -21.58 -12.00 15.46
CA SER A 13 -20.88 -12.05 16.74
C SER A 13 -21.40 -13.18 17.55
N ARG A 14 -20.57 -13.67 18.47
CA ARG A 14 -20.89 -14.85 19.23
C ARG A 14 -20.58 -14.62 20.69
N PRO A 15 -21.46 -13.87 21.38
CA PRO A 15 -21.24 -13.50 22.78
C PRO A 15 -21.10 -14.74 23.63
N GLY A 16 -19.91 -14.90 24.23
CA GLY A 16 -19.59 -16.01 25.12
C GLY A 16 -19.28 -17.27 24.38
N ARG A 17 -19.11 -17.18 23.07
CA ARG A 17 -18.62 -18.29 22.25
C ARG A 17 -17.53 -17.76 21.30
N GLY A 18 -16.80 -16.74 21.74
CA GLY A 18 -15.63 -16.27 20.98
C GLY A 18 -15.71 -15.25 19.88
N GLU A 19 -14.81 -15.35 18.91
CA GLU A 19 -14.63 -14.34 17.88
C GLU A 19 -15.72 -14.52 16.85
N PRO A 20 -16.22 -13.42 16.27
CA PRO A 20 -17.29 -13.54 15.28
C PRO A 20 -17.01 -14.51 14.16
N ARG A 21 -18.04 -15.17 13.67
CA ARG A 21 -17.93 -15.92 12.45
C ARG A 21 -17.76 -14.93 11.31
N PHE A 22 -16.86 -15.24 10.38
CA PHE A 22 -16.62 -14.39 9.25
C PHE A 22 -16.67 -15.19 7.95
N ILE A 23 -17.45 -14.72 6.98
CA ILE A 23 -17.65 -15.43 5.71
C ILE A 23 -17.58 -14.47 4.53
N ALA A 24 -16.75 -14.76 3.53
CA ALA A 24 -16.60 -13.88 2.39
C ALA A 24 -16.75 -14.71 1.17
N VAL A 25 -17.41 -14.14 0.17
CA VAL A 25 -17.75 -14.89 -1.03
C VAL A 25 -17.50 -13.96 -2.21
N GLY A 26 -16.84 -14.46 -3.27
CA GLY A 26 -16.72 -13.69 -4.51
C GLY A 26 -17.58 -14.22 -5.66
N TYR A 27 -18.12 -13.30 -6.45
CA TYR A 27 -18.94 -13.62 -7.62
C TYR A 27 -18.55 -12.84 -8.84
N VAL A 28 -18.54 -13.50 -9.99
CA VAL A 28 -18.60 -12.81 -11.24
C VAL A 28 -19.93 -13.25 -11.83
N ASP A 29 -20.78 -12.25 -12.10
CA ASP A 29 -22.20 -12.41 -12.46
C ASP A 29 -22.87 -13.26 -11.42
N ASP A 30 -23.33 -14.44 -11.83
CA ASP A 30 -23.94 -15.40 -10.94
C ASP A 30 -23.04 -16.62 -10.64
N THR A 31 -21.77 -16.55 -11.04
CA THR A 31 -20.83 -17.65 -10.78
C THR A 31 -19.90 -17.26 -9.65
N GLN A 32 -19.88 -18.07 -8.60
CA GLN A 32 -19.03 -17.89 -7.46
C GLN A 32 -17.64 -18.36 -7.80
N PHE A 33 -16.61 -17.64 -7.33
CA PHE A 33 -15.26 -17.99 -7.70
C PHE A 33 -14.26 -18.16 -6.54
N VAL A 34 -14.51 -17.49 -5.42
CA VAL A 34 -13.63 -17.60 -4.25
C VAL A 34 -14.44 -17.63 -2.97
N ARG A 35 -13.87 -18.15 -1.87
CA ARG A 35 -14.50 -18.06 -0.54
C ARG A 35 -13.50 -18.03 0.61
N PHE A 36 -13.92 -17.42 1.71
CA PHE A 36 -13.17 -17.56 2.98
C PHE A 36 -14.21 -17.71 4.06
N ASP A 37 -13.95 -18.67 4.95
CA ASP A 37 -14.77 -18.95 6.11
C ASP A 37 -13.79 -19.03 7.26
N SER A 38 -14.07 -18.24 8.29
CA SER A 38 -13.30 -18.19 9.51
C SER A 38 -13.32 -19.50 10.30
N ASP A 39 -14.31 -20.37 10.01
CA ASP A 39 -14.42 -21.68 10.64
C ASP A 39 -13.73 -22.79 9.85
N ALA A 40 -13.47 -22.58 8.56
CA ALA A 40 -12.84 -23.64 7.78
C ALA A 40 -11.38 -23.99 8.17
N ALA A 41 -10.85 -25.07 7.61
CA ALA A 41 -9.50 -25.60 7.97
C ALA A 41 -8.31 -24.66 7.67
N SER A 42 -8.26 -24.24 6.41
CA SER A 42 -7.09 -23.69 5.76
C SER A 42 -6.65 -22.34 6.26
N GLN A 43 -7.64 -21.51 6.55
CA GLN A 43 -7.45 -20.15 7.01
C GLN A 43 -6.86 -19.34 5.84
N ARG A 44 -7.22 -19.75 4.63
CA ARG A 44 -6.89 -19.05 3.40
C ARG A 44 -8.12 -18.77 2.51
N MET A 45 -8.00 -17.80 1.60
CA MET A 45 -8.98 -17.60 0.56
C MET A 45 -8.81 -18.81 -0.35
N GLU A 46 -9.93 -19.35 -0.84
CA GLU A 46 -9.95 -20.67 -1.49
C GLU A 46 -10.62 -20.58 -2.84
N PRO A 47 -10.17 -21.36 -3.84
CA PRO A 47 -10.84 -21.32 -5.14
C PRO A 47 -12.17 -22.04 -5.17
N ARG A 48 -13.10 -21.54 -5.99
CA ARG A 48 -14.44 -22.12 -6.14
C ARG A 48 -14.88 -22.03 -7.58
N ALA A 49 -13.91 -22.04 -8.48
CA ALA A 49 -14.15 -22.05 -9.91
C ALA A 49 -12.87 -22.60 -10.53
N PRO A 50 -12.99 -23.42 -11.59
CA PRO A 50 -11.82 -23.97 -12.31
C PRO A 50 -10.82 -22.91 -12.79
N TRP A 51 -11.36 -21.82 -13.31
CA TRP A 51 -10.56 -20.85 -14.03
C TRP A 51 -9.78 -19.87 -13.18
N ILE A 52 -9.82 -20.05 -11.89
CA ILE A 52 -9.18 -19.11 -11.01
C ILE A 52 -8.06 -19.79 -10.25
N GLU A 53 -7.94 -21.10 -10.42
CA GLU A 53 -6.85 -21.86 -9.83
C GLU A 53 -5.50 -21.54 -10.51
N GLN A 54 -5.59 -20.99 -11.72
CA GLN A 54 -4.42 -20.61 -12.49
C GLN A 54 -3.76 -19.34 -12.00
N GLU A 55 -4.39 -18.65 -11.06
CA GLU A 55 -3.73 -17.55 -10.41
C GLU A 55 -2.62 -18.07 -9.51
N GLY A 56 -1.49 -17.37 -9.49
CA GLY A 56 -0.34 -17.83 -8.74
C GLY A 56 -0.45 -17.67 -7.24
N PRO A 57 0.59 -18.12 -6.52
CA PRO A 57 0.74 -18.08 -5.07
C PRO A 57 0.58 -16.69 -4.48
N GLU A 58 1.06 -15.69 -5.22
CA GLU A 58 1.02 -14.30 -4.78
C GLU A 58 -0.41 -13.73 -4.80
N TYR A 59 -1.24 -14.20 -5.72
CA TYR A 59 -2.68 -13.87 -5.72
C TYR A 59 -3.28 -14.38 -4.42
N TRP A 60 -3.04 -15.66 -4.14
CA TRP A 60 -3.65 -16.29 -2.99
C TRP A 60 -3.10 -15.78 -1.69
N ASP A 61 -1.81 -15.55 -1.60
CA ASP A 61 -1.28 -14.90 -0.42
C ASP A 61 -1.84 -13.50 -0.30
N GLY A 62 -2.04 -12.82 -1.42
CA GLY A 62 -2.62 -11.49 -1.43
C GLY A 62 -4.04 -11.46 -0.92
N GLU A 63 -4.93 -12.21 -1.58
CA GLU A 63 -6.34 -12.30 -1.20
C GLU A 63 -6.59 -12.79 0.22
N THR A 64 -5.77 -13.74 0.65
CA THR A 64 -5.81 -14.24 2.01
C THR A 64 -5.48 -13.14 2.98
N ARG A 65 -4.38 -12.43 2.74
CA ARG A 65 -4.05 -11.28 3.59
C ARG A 65 -5.17 -10.22 3.63
N LYS A 66 -5.71 -9.86 2.47
CA LYS A 66 -6.73 -8.85 2.43
C LYS A 66 -8.04 -9.25 3.10
N VAL A 67 -8.40 -10.54 3.04
CA VAL A 67 -9.67 -10.96 3.63
C VAL A 67 -9.52 -11.12 5.12
N LYS A 68 -8.31 -11.47 5.55
CA LYS A 68 -7.96 -11.47 6.97
C LYS A 68 -8.03 -10.08 7.52
N ALA A 69 -7.59 -9.09 6.73
CA ALA A 69 -7.83 -7.70 7.06
C ALA A 69 -9.32 -7.35 7.13
N HIS A 70 -10.10 -7.78 6.15
CA HIS A 70 -11.55 -7.58 6.18
C HIS A 70 -12.19 -8.10 7.45
N SER A 71 -11.82 -9.32 7.86
CA SER A 71 -12.34 -10.01 9.05
C SER A 71 -12.17 -9.12 10.23
N GLN A 72 -10.92 -8.68 10.38
CA GLN A 72 -10.53 -7.75 11.42
C GLN A 72 -11.22 -6.43 11.49
N THR A 73 -11.59 -5.84 10.36
CA THR A 73 -12.30 -4.58 10.52
C THR A 73 -13.73 -4.83 11.01
N HIS A 74 -14.37 -5.83 10.44
CA HIS A 74 -15.63 -6.36 10.98
C HIS A 74 -15.70 -6.77 12.46
N ARG A 75 -14.61 -7.33 13.01
CA ARG A 75 -14.51 -7.64 14.44
C ARG A 75 -14.66 -6.32 15.23
N VAL A 76 -13.98 -5.29 14.77
CA VAL A 76 -13.93 -4.03 15.48
C VAL A 76 -15.25 -3.32 15.25
N ASP A 77 -15.81 -3.48 14.06
CA ASP A 77 -17.11 -2.92 13.74
C ASP A 77 -18.24 -3.46 14.61
N LEU A 78 -18.15 -4.74 15.02
CA LEU A 78 -19.23 -5.31 15.82
C LEU A 78 -19.25 -4.63 17.18
N GLY A 79 -18.06 -4.47 17.74
CA GLY A 79 -17.91 -3.74 19.00
C GLY A 79 -18.20 -2.25 18.94
N THR A 80 -17.96 -1.62 17.80
CA THR A 80 -18.17 -0.20 17.64
C THR A 80 -19.68 0.06 17.62
N LEU A 81 -20.40 -0.77 16.84
CA LEU A 81 -21.83 -0.67 16.63
C LEU A 81 -22.62 -1.06 17.88
N ARG A 82 -22.09 -2.01 18.63
CA ARG A 82 -22.67 -2.39 19.93
C ARG A 82 -22.54 -1.20 20.87
N GLY A 83 -21.42 -0.49 20.75
CA GLY A 83 -21.27 0.80 21.43
C GLY A 83 -22.18 1.88 20.86
N TYR A 84 -22.44 1.87 19.55
CA TYR A 84 -23.13 2.97 18.89
C TYR A 84 -24.60 2.99 19.28
N TYR A 85 -25.14 1.80 19.50
CA TYR A 85 -26.56 1.64 19.83
C TYR A 85 -26.81 1.28 21.30
N ASN A 86 -25.72 1.09 22.06
CA ASN A 86 -25.73 0.77 23.50
C ASN A 86 -26.43 -0.56 23.78
N GLN A 87 -26.23 -1.51 22.88
CA GLN A 87 -26.85 -2.79 23.03
C GLN A 87 -25.99 -3.59 23.97
N SER A 88 -26.61 -4.52 24.68
CA SER A 88 -25.91 -5.31 25.69
C SER A 88 -24.90 -6.24 25.06
N GLU A 89 -23.86 -6.56 25.83
CA GLU A 89 -22.76 -7.49 25.45
C GLU A 89 -23.15 -8.93 25.08
N ALA A 90 -24.41 -9.29 25.27
CA ALA A 90 -24.87 -10.66 25.35
C ALA A 90 -25.85 -11.03 24.23
N GLY A 91 -25.76 -10.36 23.09
CA GLY A 91 -26.61 -10.72 21.97
C GLY A 91 -25.83 -10.89 20.70
N SER A 92 -26.30 -11.77 19.82
CA SER A 92 -25.59 -11.94 18.56
C SER A 92 -26.05 -10.90 17.52
N HIS A 93 -25.10 -10.20 16.93
CA HIS A 93 -25.43 -9.19 15.91
C HIS A 93 -24.77 -9.44 14.57
N THR A 94 -25.34 -8.91 13.49
CA THR A 94 -24.85 -9.30 12.15
C THR A 94 -24.43 -8.09 11.34
N VAL A 95 -23.28 -8.20 10.68
CA VAL A 95 -22.90 -7.14 9.79
C VAL A 95 -22.74 -7.74 8.43
N GLN A 96 -23.38 -7.11 7.43
CA GLN A 96 -23.18 -7.56 6.07
C GLN A 96 -22.63 -6.43 5.25
N ARG A 97 -21.71 -6.76 4.34
CA ARG A 97 -21.07 -5.77 3.49
C ARG A 97 -21.03 -6.33 2.08
N MET A 98 -21.27 -5.48 1.11
CA MET A 98 -21.25 -5.90 -0.24
C MET A 98 -20.71 -4.78 -1.11
N TYR A 99 -19.69 -5.07 -1.92
CA TYR A 99 -19.22 -4.11 -2.89
C TYR A 99 -18.86 -4.78 -4.19
N GLY A 100 -18.61 -3.95 -5.21
CA GLY A 100 -18.29 -4.42 -6.54
C GLY A 100 -18.65 -3.41 -7.62
N CYS A 101 -18.66 -3.86 -8.86
CA CYS A 101 -18.87 -2.96 -9.98
C CYS A 101 -19.64 -3.64 -11.10
N ASP A 102 -20.36 -2.83 -11.86
CA ASP A 102 -21.06 -3.29 -13.03
C ASP A 102 -20.34 -2.73 -14.25
N VAL A 103 -20.12 -3.57 -15.26
CA VAL A 103 -19.64 -3.06 -16.53
C VAL A 103 -20.68 -3.30 -17.61
N GLY A 104 -20.58 -2.59 -18.72
CA GLY A 104 -21.50 -2.80 -19.84
C GLY A 104 -21.00 -3.86 -20.80
N SER A 105 -21.62 -3.96 -21.97
CA SER A 105 -21.24 -4.99 -22.95
C SER A 105 -19.95 -4.67 -23.73
N ASP A 106 -19.40 -3.48 -23.49
CA ASP A 106 -18.09 -3.06 -23.99
C ASP A 106 -16.99 -3.31 -22.95
N TRP A 107 -17.43 -3.73 -21.76
CA TRP A 107 -16.59 -4.07 -20.59
C TRP A 107 -16.00 -2.84 -19.88
N ARG A 108 -16.52 -1.67 -20.22
CA ARG A 108 -16.17 -0.42 -19.58
C ARG A 108 -17.02 -0.19 -18.35
N PHE A 109 -16.49 0.54 -17.36
CA PHE A 109 -17.18 0.92 -16.12
C PHE A 109 -18.60 1.47 -16.33
N LEU A 110 -19.55 1.00 -15.53
CA LEU A 110 -20.93 1.47 -15.66
C LEU A 110 -21.45 2.07 -14.37
N ARG A 111 -21.14 1.43 -13.25
CA ARG A 111 -21.73 1.71 -11.95
C ARG A 111 -20.87 0.98 -10.92
N GLY A 112 -20.60 1.63 -9.79
CA GLY A 112 -19.92 1.01 -8.66
C GLY A 112 -20.72 1.23 -7.38
N TYR A 113 -20.54 0.38 -6.38
CA TYR A 113 -21.39 0.39 -5.20
C TYR A 113 -20.71 -0.29 -4.04
N HIS A 114 -21.13 0.06 -2.84
CA HIS A 114 -20.58 -0.45 -1.63
C HIS A 114 -21.68 -0.26 -0.58
N GLN A 115 -22.33 -1.35 -0.21
CA GLN A 115 -23.44 -1.35 0.72
C GLN A 115 -23.04 -1.97 2.07
N TYR A 116 -23.65 -1.50 3.15
CA TYR A 116 -23.38 -1.97 4.48
C TYR A 116 -24.67 -2.11 5.28
N ALA A 117 -24.77 -3.18 6.08
CA ALA A 117 -25.92 -3.42 6.92
C ALA A 117 -25.51 -3.93 8.28
N TYR A 118 -26.28 -3.52 9.28
CA TYR A 118 -26.18 -3.98 10.63
C TYR A 118 -27.53 -4.55 10.96
N ASP A 119 -27.52 -5.82 11.38
CA ASP A 119 -28.72 -6.58 11.68
C ASP A 119 -29.79 -6.56 10.60
N GLY A 120 -29.40 -6.59 9.34
CA GLY A 120 -30.35 -6.87 8.29
C GLY A 120 -31.02 -5.65 7.70
N LYS A 121 -30.85 -4.47 8.33
CA LYS A 121 -31.36 -3.23 7.71
C LYS A 121 -30.17 -2.39 7.27
N ASP A 122 -30.41 -1.50 6.29
CA ASP A 122 -29.40 -0.61 5.72
C ASP A 122 -28.70 0.22 6.77
N TYR A 123 -27.38 0.31 6.68
CA TYR A 123 -26.61 1.05 7.66
C TYR A 123 -26.05 2.30 6.99
N ILE A 124 -25.14 2.07 6.04
CA ILE A 124 -24.59 3.13 5.20
C ILE A 124 -24.39 2.65 3.75
N ALA A 125 -24.64 3.49 2.76
CA ALA A 125 -24.37 3.07 1.39
C ALA A 125 -23.73 4.17 0.58
N LEU A 126 -23.00 3.77 -0.44
CA LEU A 126 -22.25 4.72 -1.22
C LEU A 126 -23.14 5.20 -2.34
N LYS A 127 -23.34 6.52 -2.46
CA LYS A 127 -24.14 7.09 -3.54
C LYS A 127 -23.54 6.82 -4.90
N GLU A 128 -24.33 7.06 -5.95
CA GLU A 128 -23.95 6.75 -7.32
C GLU A 128 -22.74 7.55 -7.77
N ASP A 129 -22.62 8.77 -7.25
CA ASP A 129 -21.53 9.69 -7.61
C ASP A 129 -20.16 9.32 -7.03
N LEU A 130 -20.18 8.37 -6.10
CA LEU A 130 -18.98 7.75 -5.53
C LEU A 130 -18.12 8.68 -4.69
N ARG A 131 -18.72 9.76 -4.19
CA ARG A 131 -18.03 10.66 -3.26
C ARG A 131 -18.73 10.68 -1.90
N SER A 132 -19.99 10.29 -1.87
CA SER A 132 -20.89 10.68 -0.80
C SER A 132 -21.72 9.52 -0.27
N TRP A 133 -22.13 9.59 0.98
CA TRP A 133 -22.75 8.45 1.65
C TRP A 133 -24.17 8.72 2.14
N THR A 134 -25.10 7.80 1.87
CA THR A 134 -26.41 7.79 2.54
C THR A 134 -26.35 7.01 3.87
N ALA A 135 -26.58 7.70 4.98
CA ALA A 135 -26.58 7.08 6.31
C ALA A 135 -28.03 6.94 6.79
N ALA A 136 -28.31 5.81 7.43
CA ALA A 136 -29.69 5.44 7.76
C ALA A 136 -30.32 6.17 8.96
N ASP A 137 -29.59 6.27 10.06
CA ASP A 137 -30.09 6.87 11.28
C ASP A 137 -29.00 7.76 11.83
N MET A 138 -29.25 8.38 12.99
CA MET A 138 -28.25 9.16 13.74
C MET A 138 -26.90 8.50 14.02
N ALA A 139 -26.87 7.19 14.21
CA ALA A 139 -25.63 6.56 14.63
C ALA A 139 -24.70 6.32 13.45
N ALA A 140 -25.30 6.14 12.27
CA ALA A 140 -24.55 5.98 11.04
C ALA A 140 -24.00 7.30 10.51
N GLN A 141 -24.54 8.42 11.01
CA GLN A 141 -24.07 9.77 10.73
C GLN A 141 -22.61 9.92 11.18
N THR A 142 -22.27 9.32 12.31
CA THR A 142 -20.89 9.31 12.82
C THR A 142 -19.91 8.55 11.90
N THR A 143 -20.38 7.44 11.33
CA THR A 143 -19.65 6.71 10.30
C THR A 143 -19.52 7.50 8.99
N LYS A 144 -20.58 8.21 8.62
CA LYS A 144 -20.55 9.05 7.44
C LYS A 144 -19.48 10.14 7.56
N HIS A 145 -19.48 10.83 8.69
CA HIS A 145 -18.53 11.90 8.97
C HIS A 145 -17.11 11.39 8.92
N LYS A 146 -16.88 10.28 9.60
CA LYS A 146 -15.61 9.57 9.58
C LYS A 146 -15.15 9.22 8.16
N TRP A 147 -16.06 8.65 7.36
CA TRP A 147 -15.73 8.23 6.00
C TRP A 147 -15.79 9.40 5.00
N GLU A 148 -16.21 10.58 5.45
CA GLU A 148 -16.09 11.75 4.61
C GLU A 148 -14.92 12.64 4.98
N ALA A 149 -13.87 12.06 5.54
CA ALA A 149 -12.57 12.70 5.58
C ALA A 149 -12.05 12.75 4.14
N ALA A 150 -11.37 13.85 3.77
CA ALA A 150 -11.09 14.24 2.38
C ALA A 150 -10.52 13.18 1.43
N HIS A 151 -9.64 12.34 1.95
CA HIS A 151 -8.83 11.42 1.13
C HIS A 151 -9.56 10.20 0.58
N VAL A 152 -10.76 9.92 1.09
CA VAL A 152 -11.49 8.69 0.75
C VAL A 152 -12.03 8.72 -0.67
N ALA A 153 -12.39 9.93 -1.12
CA ALA A 153 -12.88 10.22 -2.46
C ALA A 153 -12.07 9.48 -3.52
N GLU A 154 -10.76 9.73 -3.50
CA GLU A 154 -9.76 9.01 -4.31
C GLU A 154 -9.77 7.47 -4.18
N GLN A 155 -10.03 6.94 -2.98
CA GLN A 155 -9.78 5.54 -2.70
C GLN A 155 -10.85 4.62 -3.26
N LEU A 156 -12.09 4.89 -2.84
CA LEU A 156 -13.35 4.47 -3.49
C LEU A 156 -13.32 4.37 -5.02
N ARG A 157 -13.05 5.52 -5.60
CA ARG A 157 -12.98 5.69 -7.03
C ARG A 157 -11.96 4.74 -7.61
N ALA A 158 -10.78 4.69 -7.01
CA ALA A 158 -9.66 3.88 -7.49
C ALA A 158 -9.99 2.41 -7.57
N TYR A 159 -10.70 1.89 -6.58
CA TYR A 159 -11.07 0.48 -6.64
C TYR A 159 -12.21 0.21 -7.63
N LEU A 160 -13.36 0.83 -7.36
CA LEU A 160 -14.57 0.61 -8.15
C LEU A 160 -14.45 1.05 -9.63
N GLU A 161 -13.92 2.24 -9.94
CA GLU A 161 -13.78 2.65 -11.35
C GLU A 161 -12.49 2.16 -12.04
N GLY A 162 -11.62 1.48 -11.29
CA GLY A 162 -10.31 1.06 -11.80
C GLY A 162 -10.08 -0.41 -11.58
N THR A 163 -9.62 -0.77 -10.38
CA THR A 163 -9.19 -2.14 -10.04
C THR A 163 -10.32 -3.20 -10.15
N CYS A 164 -11.53 -2.81 -9.80
CA CYS A 164 -12.64 -3.69 -9.89
C CYS A 164 -12.88 -4.00 -11.35
N VAL A 165 -12.90 -2.96 -12.20
CA VAL A 165 -13.12 -3.19 -13.62
C VAL A 165 -11.92 -3.86 -14.28
N GLU A 166 -10.70 -3.60 -13.80
CA GLU A 166 -9.52 -4.28 -14.34
C GLU A 166 -9.62 -5.79 -14.12
N TRP A 167 -9.94 -6.20 -12.91
CA TRP A 167 -9.91 -7.61 -12.59
C TRP A 167 -11.11 -8.42 -13.04
N LEU A 168 -12.29 -7.79 -13.07
CA LEU A 168 -13.49 -8.40 -13.65
C LEU A 168 -13.26 -8.71 -15.13
N ARG A 169 -12.61 -7.77 -15.83
CA ARG A 169 -12.23 -7.97 -17.21
C ARG A 169 -11.24 -9.14 -17.31
N ARG A 170 -10.26 -9.18 -16.42
CA ARG A 170 -9.31 -10.31 -16.40
C ARG A 170 -9.99 -11.67 -16.21
N TYR A 171 -10.91 -11.74 -15.26
CA TYR A 171 -11.64 -12.94 -14.94
C TYR A 171 -12.51 -13.43 -16.11
N LEU A 172 -13.20 -12.51 -16.77
CA LEU A 172 -14.04 -12.85 -17.92
C LEU A 172 -13.30 -13.42 -19.13
N GLU A 173 -12.04 -13.05 -19.34
CA GLU A 173 -11.25 -13.78 -20.34
C GLU A 173 -10.69 -15.08 -19.80
N ASN A 174 -10.34 -15.08 -18.51
CA ASN A 174 -9.76 -16.27 -17.89
C ASN A 174 -10.67 -17.48 -17.85
N GLY A 175 -11.97 -17.25 -17.71
CA GLY A 175 -12.95 -18.31 -17.83
C GLY A 175 -14.02 -17.95 -18.82
N LYS A 176 -13.65 -17.87 -20.09
CA LYS A 176 -14.57 -17.56 -21.19
C LYS A 176 -15.64 -18.62 -21.32
N GLU A 177 -15.20 -19.87 -21.22
CA GLU A 177 -16.04 -21.07 -21.26
C GLU A 177 -17.10 -21.09 -20.15
N THR A 178 -16.70 -20.66 -18.96
CA THR A 178 -17.60 -20.61 -17.83
C THR A 178 -18.49 -19.37 -17.89
N LEU A 179 -17.89 -18.19 -17.96
CA LEU A 179 -18.62 -16.94 -17.68
C LEU A 179 -19.34 -16.28 -18.86
N GLN A 180 -18.83 -16.49 -20.06
CA GLN A 180 -19.36 -15.77 -21.20
C GLN A 180 -20.39 -16.59 -21.95
N ARG A 181 -20.92 -17.62 -21.31
CA ARG A 181 -21.89 -18.43 -21.98
C ARG A 181 -23.29 -17.94 -21.65
N THR A 182 -24.20 -18.19 -22.56
CA THR A 182 -25.59 -18.04 -22.27
C THR A 182 -26.18 -19.46 -22.38
N ASP A 183 -26.97 -19.85 -21.39
CA ASP A 183 -27.64 -21.14 -21.42
C ASP A 183 -29.11 -20.85 -21.49
N ALA A 184 -29.73 -21.37 -22.54
CA ALA A 184 -31.15 -21.17 -22.85
C ALA A 184 -32.01 -22.04 -21.93
N PRO A 185 -33.14 -21.48 -21.44
CA PRO A 185 -34.01 -22.23 -20.55
C PRO A 185 -34.82 -23.28 -21.29
N LYS A 186 -34.91 -24.48 -20.71
CA LYS A 186 -35.70 -25.55 -21.29
C LYS A 186 -37.13 -25.48 -20.77
N THR A 187 -38.05 -25.15 -21.66
CA THR A 187 -39.42 -24.90 -21.27
C THR A 187 -40.28 -26.16 -21.30
N HIS A 188 -41.39 -26.11 -20.55
CA HIS A 188 -42.00 -27.29 -19.95
C HIS A 188 -43.28 -26.85 -19.23
N MET A 189 -44.36 -27.61 -19.33
CA MET A 189 -45.60 -27.22 -18.63
C MET A 189 -46.38 -28.40 -18.04
N THR A 190 -46.75 -28.29 -16.76
CA THR A 190 -47.43 -29.38 -16.06
C THR A 190 -48.76 -28.95 -15.45
N HIS A 191 -49.78 -29.80 -15.63
CA HIS A 191 -51.15 -29.49 -15.24
C HIS A 191 -51.73 -30.54 -14.28
N HIS A 192 -52.39 -30.08 -13.23
CA HIS A 192 -53.01 -30.97 -12.26
C HIS A 192 -54.44 -30.52 -11.93
N ALA A 193 -55.28 -31.46 -11.47
CA ALA A 193 -56.48 -31.08 -10.76
C ALA A 193 -56.03 -30.80 -9.33
N VAL A 194 -56.70 -29.87 -8.65
CA VAL A 194 -56.39 -29.56 -7.26
C VAL A 194 -57.65 -29.36 -6.43
N SER A 195 -58.81 -29.39 -7.11
CA SER A 195 -60.08 -29.11 -6.46
C SER A 195 -61.27 -29.77 -7.15
N ASP A 196 -61.02 -30.49 -8.25
CA ASP A 196 -62.06 -31.06 -9.17
C ASP A 196 -62.99 -30.04 -9.87
N HIS A 197 -62.79 -28.75 -9.61
CA HIS A 197 -63.47 -27.72 -10.37
C HIS A 197 -62.37 -26.82 -10.90
N GLU A 198 -61.27 -26.77 -10.15
CA GLU A 198 -60.15 -25.90 -10.44
C GLU A 198 -58.94 -26.69 -10.92
N ALA A 199 -58.16 -26.06 -11.78
CA ALA A 199 -56.88 -26.61 -12.23
C ALA A 199 -55.75 -25.66 -11.86
N THR A 200 -54.59 -26.23 -11.54
CA THR A 200 -53.37 -25.46 -11.32
C THR A 200 -52.49 -25.59 -12.56
N LEU A 201 -52.17 -24.45 -13.18
CA LEU A 201 -51.24 -24.42 -14.29
C LEU A 201 -49.89 -23.92 -13.83
N ARG A 202 -48.88 -24.78 -13.91
CA ARG A 202 -47.52 -24.45 -13.49
C ARG A 202 -46.57 -24.42 -14.70
N CYS A 203 -45.88 -23.29 -14.88
CA CYS A 203 -45.03 -23.08 -16.04
C CYS A 203 -43.56 -23.21 -15.67
N TRP A 204 -42.73 -23.84 -16.50
CA TRP A 204 -41.39 -24.17 -16.05
C TRP A 204 -40.24 -23.60 -16.87
N ALA A 205 -39.08 -23.44 -16.23
CA ALA A 205 -37.84 -23.09 -16.90
C ALA A 205 -36.68 -23.75 -16.17
N LEU A 206 -36.04 -24.71 -16.82
CA LEU A 206 -34.91 -25.39 -16.22
C LEU A 206 -33.66 -25.12 -17.07
N SER A 207 -32.49 -25.21 -16.42
CA SER A 207 -31.15 -25.13 -17.07
C SER A 207 -30.80 -23.82 -17.76
N PHE A 208 -30.96 -22.70 -17.08
CA PHE A 208 -30.60 -21.42 -17.71
C PHE A 208 -29.47 -20.70 -17.00
N TYR A 209 -28.73 -19.90 -17.77
CA TYR A 209 -27.68 -19.03 -17.24
C TYR A 209 -27.68 -17.77 -18.07
N PRO A 210 -27.60 -16.58 -17.44
CA PRO A 210 -27.60 -16.19 -16.03
C PRO A 210 -28.95 -16.30 -15.37
N ALA A 211 -29.01 -15.98 -14.09
CA ALA A 211 -30.22 -16.21 -13.32
C ALA A 211 -31.41 -15.29 -13.63
N GLU A 212 -31.14 -14.11 -14.20
CA GLU A 212 -32.24 -13.17 -14.47
C GLU A 212 -33.15 -13.68 -15.58
N ILE A 213 -34.38 -13.95 -15.18
CA ILE A 213 -35.37 -14.50 -16.08
C ILE A 213 -36.70 -13.90 -15.64
N THR A 214 -37.64 -13.77 -16.57
CA THR A 214 -38.93 -13.22 -16.22
C THR A 214 -40.06 -14.12 -16.72
N LEU A 215 -40.81 -14.67 -15.77
CA LEU A 215 -41.99 -15.46 -16.07
C LEU A 215 -43.23 -14.71 -15.60
N THR A 216 -44.22 -14.60 -16.48
CA THR A 216 -45.45 -13.87 -16.15
C THR A 216 -46.67 -14.53 -16.75
N TRP A 217 -47.79 -14.35 -16.06
CA TRP A 217 -49.06 -14.91 -16.51
C TRP A 217 -49.96 -13.94 -17.23
N GLN A 218 -50.77 -14.51 -18.11
CA GLN A 218 -51.47 -13.76 -19.13
C GLN A 218 -52.63 -14.59 -19.66
N ARG A 219 -53.79 -13.97 -19.81
CA ARG A 219 -54.95 -14.65 -20.39
C ARG A 219 -55.45 -13.97 -21.66
N ASP A 220 -54.95 -14.44 -22.80
CA ASP A 220 -55.35 -13.99 -24.16
C ASP A 220 -55.10 -12.50 -24.44
N GLY A 221 -54.02 -11.97 -23.86
CA GLY A 221 -53.67 -10.56 -24.01
C GLY A 221 -53.32 -9.87 -22.71
N GLU A 222 -54.35 -9.59 -21.90
CA GLU A 222 -54.17 -8.86 -20.64
C GLU A 222 -53.52 -9.76 -19.57
N ASP A 223 -52.63 -9.18 -18.77
CA ASP A 223 -51.79 -9.98 -17.87
C ASP A 223 -52.33 -10.20 -16.46
N GLN A 224 -51.58 -10.93 -15.64
CA GLN A 224 -52.04 -11.33 -14.32
C GLN A 224 -50.93 -11.28 -13.27
N THR A 225 -51.26 -10.73 -12.10
CA THR A 225 -50.38 -10.82 -10.93
C THR A 225 -51.20 -11.28 -9.72
N GLN A 226 -52.51 -11.33 -9.90
CA GLN A 226 -53.47 -11.66 -8.83
C GLN A 226 -53.39 -13.14 -8.44
N ASP A 227 -53.46 -14.03 -9.43
CA ASP A 227 -53.38 -15.47 -9.18
C ASP A 227 -51.95 -16.01 -9.35
N THR A 228 -51.02 -15.12 -9.64
CA THR A 228 -49.63 -15.49 -9.91
C THR A 228 -48.84 -15.88 -8.65
N GLU A 229 -48.28 -17.09 -8.68
CA GLU A 229 -47.38 -17.55 -7.64
C GLU A 229 -46.01 -17.82 -8.29
N LEU A 230 -45.07 -16.90 -8.11
CA LEU A 230 -43.66 -17.11 -8.51
C LEU A 230 -42.92 -17.82 -7.40
N VAL A 231 -41.98 -18.70 -7.73
CA VAL A 231 -41.01 -19.05 -6.71
C VAL A 231 -39.74 -18.30 -6.94
N GLU A 232 -38.92 -18.25 -5.90
CA GLU A 232 -37.55 -17.78 -6.05
C GLU A 232 -36.74 -18.62 -7.05
N THR A 233 -35.90 -17.92 -7.82
CA THR A 233 -35.00 -18.53 -8.77
C THR A 233 -34.02 -19.36 -7.96
N ARG A 234 -33.86 -20.61 -8.34
CA ARG A 234 -33.13 -21.51 -7.50
C ARG A 234 -32.04 -22.23 -8.28
N PRO A 235 -30.85 -22.39 -7.66
CA PRO A 235 -29.73 -23.03 -8.34
C PRO A 235 -29.95 -24.53 -8.50
N ALA A 236 -29.61 -25.06 -9.67
CA ALA A 236 -29.68 -26.48 -9.86
C ALA A 236 -28.48 -27.17 -9.19
N GLY A 237 -27.37 -26.44 -9.10
CA GLY A 237 -26.17 -26.98 -8.49
C GLY A 237 -25.10 -27.28 -9.51
N ASP A 238 -25.45 -27.25 -10.79
CA ASP A 238 -24.49 -27.53 -11.85
C ASP A 238 -23.95 -26.22 -12.42
N GLY A 239 -24.42 -25.11 -11.87
CA GLY A 239 -24.09 -23.80 -12.40
C GLY A 239 -25.19 -23.18 -13.25
N THR A 240 -26.30 -23.90 -13.45
CA THR A 240 -27.47 -23.30 -14.09
C THR A 240 -28.62 -23.07 -13.10
N PHE A 241 -29.71 -22.47 -13.56
CA PHE A 241 -30.82 -22.13 -12.64
C PHE A 241 -32.19 -22.67 -13.08
N GLN A 242 -33.16 -22.59 -12.16
CA GLN A 242 -34.50 -23.19 -12.28
C GLN A 242 -35.57 -22.28 -11.69
N LYS A 243 -36.73 -22.15 -12.36
CA LYS A 243 -37.83 -21.29 -11.86
C LYS A 243 -39.21 -21.71 -12.36
N TRP A 244 -40.22 -21.58 -11.49
CA TRP A 244 -41.61 -21.78 -11.90
C TRP A 244 -42.64 -20.73 -11.48
N ALA A 245 -43.70 -20.62 -12.27
CA ALA A 245 -44.80 -19.72 -11.96
C ALA A 245 -46.12 -20.45 -12.12
N ALA A 246 -47.07 -20.18 -11.22
CA ALA A 246 -48.38 -20.85 -11.28
C ALA A 246 -49.62 -19.96 -11.17
N VAL A 247 -50.73 -20.36 -11.82
CA VAL A 247 -52.04 -19.71 -11.64
C VAL A 247 -53.19 -20.68 -11.40
N VAL A 248 -54.14 -20.25 -10.58
CA VAL A 248 -55.31 -21.07 -10.27
C VAL A 248 -56.44 -20.82 -11.28
N VAL A 249 -56.68 -21.80 -12.15
CA VAL A 249 -57.52 -21.59 -13.34
C VAL A 249 -58.94 -22.20 -13.25
N PRO A 250 -59.97 -21.38 -13.49
CA PRO A 250 -61.32 -21.87 -13.76
C PRO A 250 -61.31 -22.78 -14.99
N SER A 251 -61.33 -24.08 -14.73
CA SER A 251 -60.97 -25.12 -15.70
C SER A 251 -61.90 -25.27 -16.90
N GLY A 252 -61.31 -25.50 -18.06
CA GLY A 252 -62.02 -25.49 -19.32
C GLY A 252 -61.49 -24.33 -20.13
N GLN A 253 -60.67 -23.53 -19.46
CA GLN A 253 -60.11 -22.32 -20.05
C GLN A 253 -58.59 -22.33 -19.89
N GLU A 254 -57.99 -23.49 -20.21
CA GLU A 254 -56.54 -23.61 -20.26
C GLU A 254 -56.10 -23.60 -21.72
N GLN A 255 -56.96 -23.06 -22.57
CA GLN A 255 -56.64 -22.80 -23.95
C GLN A 255 -56.30 -21.31 -24.08
N ARG A 256 -57.09 -20.46 -23.44
CA ARG A 256 -56.86 -19.02 -23.48
C ARG A 256 -56.00 -18.48 -22.31
N TYR A 257 -54.86 -19.13 -22.09
CA TYR A 257 -53.87 -18.73 -21.10
C TYR A 257 -52.48 -19.06 -21.61
N THR A 258 -51.62 -18.05 -21.69
CA THR A 258 -50.24 -18.25 -22.16
C THR A 258 -49.19 -17.86 -21.12
N CYS A 259 -48.21 -18.76 -20.92
CA CYS A 259 -47.04 -18.45 -20.10
C CYS A 259 -46.05 -17.65 -20.96
N HIS A 260 -45.43 -16.62 -20.39
CA HIS A 260 -44.53 -15.78 -21.15
C HIS A 260 -43.16 -15.73 -20.50
N VAL A 261 -42.14 -16.20 -21.21
CA VAL A 261 -40.78 -16.29 -20.67
C VAL A 261 -39.83 -15.29 -21.36
N GLN A 262 -39.19 -14.45 -20.56
CA GLN A 262 -38.13 -13.58 -21.05
C GLN A 262 -36.78 -13.94 -20.44
N HIS A 263 -35.78 -14.15 -21.30
CA HIS A 263 -34.39 -14.38 -20.88
C HIS A 263 -33.49 -13.71 -21.91
N GLU A 264 -32.26 -13.38 -21.53
CA GLU A 264 -31.33 -12.75 -22.47
C GLU A 264 -30.66 -13.78 -23.39
N GLY A 265 -30.69 -15.03 -22.96
CA GLY A 265 -30.28 -16.17 -23.77
C GLY A 265 -31.29 -16.54 -24.84
N LEU A 266 -32.54 -16.13 -24.64
CA LEU A 266 -33.57 -16.25 -25.67
C LEU A 266 -33.32 -15.30 -26.83
N PRO A 267 -33.41 -15.82 -28.06
CA PRO A 267 -33.46 -15.00 -29.27
C PRO A 267 -34.77 -14.22 -29.28
N LYS A 268 -35.86 -14.93 -29.50
CA LYS A 268 -37.20 -14.38 -29.32
C LYS A 268 -37.73 -14.83 -27.96
N PRO A 269 -38.50 -13.95 -27.27
CA PRO A 269 -39.24 -14.29 -26.05
C PRO A 269 -40.27 -15.40 -26.27
N LEU A 270 -40.23 -16.43 -25.44
CA LEU A 270 -41.05 -17.63 -25.65
C LEU A 270 -42.49 -17.56 -25.14
N THR A 271 -43.42 -17.98 -26.00
CA THR A 271 -44.83 -18.04 -25.67
C THR A 271 -45.34 -19.48 -25.66
N LEU A 272 -45.94 -19.89 -24.54
CA LEU A 272 -46.41 -21.26 -24.35
C LEU A 272 -47.87 -21.38 -23.94
N ARG A 273 -48.67 -21.86 -24.87
CA ARG A 273 -50.06 -22.23 -24.63
C ARG A 273 -50.05 -23.64 -24.05
N TRP A 274 -51.08 -24.02 -23.28
CA TRP A 274 -51.22 -25.41 -22.89
C TRP A 274 -51.99 -26.22 -23.94
N GLU A 275 -51.32 -27.23 -24.49
CA GLU A 275 -51.91 -28.09 -25.51
C GLU A 275 -51.82 -29.56 -25.09
N MET B 1 -33.45 -4.90 15.53
CA MET B 1 -32.98 -6.00 14.60
C MET B 1 -34.09 -6.61 13.71
N ILE B 2 -33.79 -7.59 12.84
CA ILE B 2 -34.82 -8.18 12.00
C ILE B 2 -34.73 -9.70 11.89
N GLN B 3 -35.86 -10.39 12.01
CA GLN B 3 -35.93 -11.85 11.73
C GLN B 3 -36.69 -12.07 10.43
N ARG B 4 -36.35 -13.13 9.72
CA ARG B 4 -37.12 -13.45 8.52
C ARG B 4 -37.18 -14.98 8.43
N THR B 5 -38.38 -15.57 8.26
CA THR B 5 -38.52 -17.02 8.05
C THR B 5 -37.88 -17.52 6.75
N PRO B 6 -37.23 -18.68 6.79
CA PRO B 6 -36.80 -19.18 5.48
C PRO B 6 -37.92 -19.67 4.53
N LYS B 7 -37.63 -19.54 3.24
CA LYS B 7 -38.40 -20.11 2.16
C LYS B 7 -37.62 -21.35 1.82
N ILE B 8 -38.31 -22.47 1.68
CA ILE B 8 -37.61 -23.78 1.53
C ILE B 8 -38.11 -24.43 0.25
N GLN B 9 -37.20 -24.81 -0.62
CA GLN B 9 -37.58 -25.49 -1.84
C GLN B 9 -36.80 -26.79 -1.85
N VAL B 10 -37.50 -27.91 -2.06
CA VAL B 10 -36.88 -29.22 -2.20
C VAL B 10 -37.20 -29.76 -3.58
N TYR B 11 -36.15 -30.13 -4.31
CA TYR B 11 -36.25 -30.39 -5.73
C TYR B 11 -35.00 -31.14 -6.17
N SER B 12 -35.02 -31.69 -7.38
CA SER B 12 -33.88 -32.43 -7.84
C SER B 12 -33.17 -31.58 -8.87
N ARG B 13 -31.91 -31.89 -9.13
CA ARG B 13 -31.10 -31.11 -10.09
C ARG B 13 -31.51 -31.35 -11.54
N HIS B 14 -31.52 -32.63 -11.95
CA HIS B 14 -31.99 -33.04 -13.28
C HIS B 14 -33.40 -33.57 -13.08
N PRO B 15 -34.23 -33.65 -14.16
CA PRO B 15 -35.58 -34.24 -13.99
C PRO B 15 -35.50 -35.67 -13.46
N ALA B 16 -36.36 -35.97 -12.49
CA ALA B 16 -36.29 -37.21 -11.71
C ALA B 16 -36.69 -38.49 -12.48
N GLU B 17 -35.77 -39.45 -12.53
CA GLU B 17 -35.99 -40.71 -13.24
C GLU B 17 -35.58 -41.91 -12.40
N ASN B 18 -36.56 -42.74 -12.05
CA ASN B 18 -36.39 -43.85 -11.10
C ASN B 18 -35.29 -44.83 -11.47
N GLY B 19 -34.27 -44.91 -10.63
CA GLY B 19 -33.16 -45.83 -10.87
C GLY B 19 -31.98 -45.15 -11.54
N LYS B 20 -32.16 -43.88 -11.93
CA LYS B 20 -31.07 -43.11 -12.53
C LYS B 20 -30.55 -42.07 -11.55
N SER B 21 -29.23 -41.92 -11.50
CA SER B 21 -28.57 -41.11 -10.48
C SER B 21 -28.86 -39.62 -10.67
N ASN B 22 -28.82 -38.85 -9.57
CA ASN B 22 -29.25 -37.46 -9.56
C ASN B 22 -28.72 -36.78 -8.31
N PHE B 23 -29.24 -35.60 -8.00
CA PHE B 23 -28.88 -34.82 -6.83
C PHE B 23 -30.15 -34.25 -6.19
N LEU B 24 -30.30 -34.38 -4.87
CA LEU B 24 -31.46 -33.80 -4.19
C LEU B 24 -31.07 -32.48 -3.52
N ASN B 25 -31.83 -31.43 -3.81
CA ASN B 25 -31.50 -30.09 -3.37
C ASN B 25 -32.48 -29.57 -2.35
N CYS B 26 -31.96 -28.96 -1.30
CA CYS B 26 -32.76 -28.17 -0.42
C CYS B 26 -32.27 -26.75 -0.50
N TYR B 27 -33.06 -25.88 -1.12
CA TYR B 27 -32.67 -24.48 -1.24
C TYR B 27 -33.42 -23.72 -0.17
N VAL B 28 -32.68 -23.17 0.77
CA VAL B 28 -33.25 -22.31 1.81
C VAL B 28 -32.84 -20.88 1.59
N SER B 29 -33.84 -20.00 1.49
CA SER B 29 -33.57 -18.60 1.18
C SER B 29 -34.46 -17.69 1.95
N GLY B 30 -34.10 -16.43 1.96
CA GLY B 30 -34.98 -15.42 2.49
C GLY B 30 -34.90 -15.29 3.99
N PHE B 31 -33.90 -15.89 4.62
CA PHE B 31 -33.87 -15.87 6.05
C PHE B 31 -32.89 -14.89 6.66
N HIS B 32 -33.11 -14.70 7.96
CA HIS B 32 -32.35 -13.78 8.77
C HIS B 32 -32.86 -14.04 10.18
N PRO B 33 -31.96 -14.15 11.14
CA PRO B 33 -30.50 -14.19 10.97
C PRO B 33 -29.96 -15.50 10.43
N SER B 34 -28.66 -15.55 10.26
CA SER B 34 -28.00 -16.59 9.51
C SER B 34 -27.92 -17.91 10.23
N ASP B 35 -27.96 -17.93 11.56
CA ASP B 35 -27.96 -19.23 12.25
C ASP B 35 -29.14 -20.09 11.73
N ILE B 36 -28.81 -21.26 11.18
CA ILE B 36 -29.79 -22.18 10.57
C ILE B 36 -29.31 -23.66 10.56
N GLU B 37 -30.23 -24.58 10.86
CA GLU B 37 -29.94 -26.00 10.88
C GLU B 37 -30.67 -26.57 9.69
N VAL B 38 -29.99 -27.27 8.80
CA VAL B 38 -30.65 -27.90 7.64
C VAL B 38 -30.22 -29.35 7.49
N ASP B 39 -31.15 -30.28 7.58
CA ASP B 39 -30.81 -31.62 7.24
C ASP B 39 -31.66 -32.16 6.10
N LEU B 40 -31.15 -33.15 5.39
CA LEU B 40 -31.93 -33.86 4.38
C LEU B 40 -32.22 -35.27 4.89
N LEU B 41 -33.43 -35.74 4.60
CA LEU B 41 -33.91 -37.03 5.09
C LEU B 41 -34.24 -37.99 3.96
N LYS B 42 -33.97 -39.26 4.19
CA LYS B 42 -34.46 -40.32 3.36
C LYS B 42 -35.32 -41.18 4.28
N ASN B 43 -36.63 -41.16 4.01
CA ASN B 43 -37.68 -41.72 4.87
C ASN B 43 -37.64 -41.30 6.36
N GLY B 44 -37.31 -40.05 6.64
CA GLY B 44 -37.32 -39.58 8.01
C GLY B 44 -35.99 -39.69 8.73
N GLU B 45 -35.13 -40.63 8.30
CA GLU B 45 -33.77 -40.76 8.86
C GLU B 45 -32.76 -39.86 8.14
N ARG B 46 -31.88 -39.24 8.94
CA ARG B 46 -30.99 -38.14 8.55
C ARG B 46 -29.84 -38.57 7.64
N ILE B 47 -29.63 -37.85 6.53
CA ILE B 47 -28.53 -38.17 5.61
C ILE B 47 -27.22 -37.53 6.05
N GLU B 48 -26.12 -38.28 6.10
CA GLU B 48 -24.86 -37.71 6.56
C GLU B 48 -24.13 -36.92 5.47
N LYS B 49 -23.96 -37.56 4.31
CA LYS B 49 -23.16 -37.02 3.21
C LYS B 49 -23.97 -35.97 2.48
N VAL B 50 -24.03 -34.77 3.05
CA VAL B 50 -24.80 -33.68 2.47
C VAL B 50 -23.83 -32.52 2.50
N GLU B 51 -23.77 -31.76 1.41
CA GLU B 51 -22.85 -30.65 1.33
C GLU B 51 -23.61 -29.37 1.17
N HIS B 52 -22.92 -28.24 1.40
CA HIS B 52 -23.57 -26.94 1.29
C HIS B 52 -22.75 -25.78 0.72
N SER B 53 -23.48 -24.80 0.19
CA SER B 53 -22.87 -23.65 -0.43
C SER B 53 -22.37 -22.68 0.62
N ASP B 54 -21.63 -21.66 0.22
CA ASP B 54 -21.21 -20.65 1.15
C ASP B 54 -22.34 -19.64 1.44
N LEU B 55 -22.34 -19.13 2.66
CA LEU B 55 -23.38 -18.23 3.12
C LEU B 55 -23.30 -16.96 2.29
N SER B 56 -24.45 -16.54 1.75
CA SER B 56 -24.47 -15.37 0.89
C SER B 56 -25.79 -14.65 0.99
N PHE B 57 -25.97 -13.55 0.29
CA PHE B 57 -27.21 -12.84 0.52
C PHE B 57 -27.79 -12.13 -0.66
N SER B 58 -29.05 -11.78 -0.53
CA SER B 58 -29.76 -11.21 -1.63
C SER B 58 -29.81 -9.71 -1.43
N LYS B 59 -30.52 -9.04 -2.33
CA LYS B 59 -30.56 -7.58 -2.35
C LYS B 59 -31.22 -6.97 -1.12
N ASP B 60 -32.13 -7.70 -0.49
CA ASP B 60 -32.77 -7.26 0.75
C ASP B 60 -32.02 -7.63 2.06
N TRP B 61 -30.78 -8.09 1.93
CA TRP B 61 -29.93 -8.60 3.03
C TRP B 61 -30.22 -10.03 3.55
N SER B 62 -31.27 -10.67 3.05
CA SER B 62 -31.66 -12.00 3.51
C SER B 62 -30.70 -13.09 3.03
N PHE B 63 -30.45 -14.10 3.85
CA PHE B 63 -29.39 -15.01 3.48
C PHE B 63 -29.94 -16.13 2.63
N TYR B 64 -29.09 -16.74 1.83
CA TYR B 64 -29.49 -17.96 1.17
C TYR B 64 -28.37 -19.05 1.21
N LEU B 65 -28.72 -20.29 0.90
CA LEU B 65 -27.88 -21.42 1.21
C LEU B 65 -28.46 -22.61 0.47
N LEU B 66 -27.60 -23.45 -0.11
CA LEU B 66 -28.10 -24.63 -0.78
C LEU B 66 -27.49 -25.85 -0.13
N TYR B 67 -28.32 -26.80 0.26
CA TYR B 67 -27.86 -28.05 0.82
C TYR B 67 -28.18 -29.13 -0.19
N TYR B 68 -27.24 -30.04 -0.41
CA TYR B 68 -27.36 -30.96 -1.52
C TYR B 68 -26.63 -32.29 -1.33
N THR B 69 -27.19 -33.35 -1.91
CA THR B 69 -26.64 -34.66 -1.77
C THR B 69 -26.91 -35.49 -3.00
N GLU B 70 -26.06 -36.47 -3.23
CA GLU B 70 -26.29 -37.43 -4.29
C GLU B 70 -27.35 -38.39 -3.82
N PHE B 71 -28.16 -38.86 -4.77
CA PHE B 71 -29.17 -39.87 -4.49
C PHE B 71 -29.56 -40.56 -5.77
N THR B 72 -30.31 -41.64 -5.61
CA THR B 72 -30.82 -42.45 -6.72
C THR B 72 -32.25 -42.82 -6.38
N PRO B 73 -33.23 -42.06 -6.91
CA PRO B 73 -34.62 -42.18 -6.46
C PRO B 73 -35.37 -43.44 -6.93
N THR B 74 -36.34 -43.87 -6.11
CA THR B 74 -37.15 -45.03 -6.37
C THR B 74 -38.61 -44.61 -6.25
N GLU B 75 -39.54 -45.52 -6.53
CA GLU B 75 -40.97 -45.27 -6.35
C GLU B 75 -41.33 -45.13 -4.87
N LYS B 76 -40.73 -45.97 -4.04
CA LYS B 76 -41.12 -46.02 -2.64
C LYS B 76 -40.48 -44.96 -1.74
N ASP B 77 -39.23 -44.60 -2.01
CA ASP B 77 -38.43 -43.74 -1.12
C ASP B 77 -38.84 -42.29 -1.10
N GLU B 78 -39.09 -41.79 0.10
CA GLU B 78 -39.62 -40.46 0.36
C GLU B 78 -38.49 -39.61 0.90
N TYR B 79 -38.23 -38.49 0.24
CA TYR B 79 -37.17 -37.61 0.65
C TYR B 79 -37.76 -36.32 1.18
N ALA B 80 -37.04 -35.65 2.05
CA ALA B 80 -37.60 -34.45 2.65
C ALA B 80 -36.46 -33.59 3.05
N CYS B 81 -36.75 -32.38 3.48
CA CYS B 81 -35.68 -31.49 3.93
C CYS B 81 -36.03 -30.92 5.29
N ARG B 82 -35.08 -30.87 6.22
CA ARG B 82 -35.48 -30.37 7.55
C ARG B 82 -34.77 -29.08 7.97
N VAL B 83 -35.53 -28.05 8.31
CA VAL B 83 -34.94 -26.77 8.60
C VAL B 83 -35.29 -26.26 10.00
N ASN B 84 -34.34 -25.72 10.75
CA ASN B 84 -34.62 -25.10 12.02
C ASN B 84 -33.96 -23.73 12.07
N HIS B 85 -34.65 -22.78 12.71
CA HIS B 85 -34.35 -21.35 12.65
C HIS B 85 -35.21 -20.68 13.70
N VAL B 86 -34.77 -19.57 14.31
CA VAL B 86 -35.57 -18.90 15.38
C VAL B 86 -37.02 -18.49 15.03
N THR B 87 -37.35 -18.37 13.76
CA THR B 87 -38.62 -17.84 13.34
C THR B 87 -39.67 -18.93 13.43
N LEU B 88 -39.16 -20.17 13.35
CA LEU B 88 -39.97 -21.38 13.44
C LEU B 88 -40.24 -21.85 14.86
N SER B 89 -41.52 -21.97 15.23
CA SER B 89 -41.83 -22.51 16.55
C SER B 89 -41.35 -23.96 16.81
N GLN B 90 -41.21 -24.75 15.74
CA GLN B 90 -40.71 -26.13 15.81
C GLN B 90 -40.00 -26.38 14.48
N PRO B 91 -39.03 -27.31 14.39
CA PRO B 91 -38.35 -27.58 13.12
C PRO B 91 -39.28 -27.98 11.98
N LYS B 92 -38.92 -27.63 10.75
CA LYS B 92 -39.86 -27.71 9.63
C LYS B 92 -39.42 -28.82 8.68
N ILE B 93 -40.35 -29.66 8.26
CA ILE B 93 -40.06 -30.69 7.26
C ILE B 93 -40.86 -30.36 6.04
N VAL B 94 -40.17 -30.26 4.91
CA VAL B 94 -40.82 -30.06 3.61
C VAL B 94 -40.47 -31.27 2.79
N LYS B 95 -41.47 -32.10 2.45
CA LYS B 95 -41.23 -33.33 1.67
C LYS B 95 -40.91 -32.98 0.24
N TRP B 96 -40.01 -33.74 -0.39
CA TRP B 96 -39.71 -33.59 -1.83
C TRP B 96 -40.86 -34.08 -2.70
N ASP B 97 -41.59 -33.15 -3.31
CA ASP B 97 -42.61 -33.52 -4.30
C ASP B 97 -41.94 -33.75 -5.64
N ARG B 98 -42.18 -34.92 -6.22
CA ARG B 98 -41.45 -35.40 -7.40
C ARG B 98 -41.70 -34.65 -8.71
N ASP B 99 -42.92 -34.20 -8.94
CA ASP B 99 -43.23 -33.41 -10.15
C ASP B 99 -43.22 -31.91 -9.87
N MET B 100 -42.15 -31.45 -9.24
CA MET B 100 -42.07 -30.13 -8.60
C MET B 100 -40.60 -29.74 -8.21
N MET C 1 -10.54 -9.54 -7.63
CA MET C 1 -9.60 -9.11 -6.58
C MET C 1 -10.19 -8.13 -5.56
N LEU C 2 -10.09 -8.49 -4.28
CA LEU C 2 -10.47 -7.64 -3.15
C LEU C 2 -9.79 -6.27 -3.03
N TRP C 3 -10.48 -5.43 -2.30
CA TRP C 3 -10.18 -4.04 -2.16
C TRP C 3 -9.27 -3.90 -0.97
N GLY C 4 -8.12 -3.28 -1.17
CA GLY C 4 -7.08 -3.34 -0.18
C GLY C 4 -7.06 -2.24 0.86
N TYR C 5 -8.15 -1.49 0.91
CA TYR C 5 -8.27 -0.41 1.87
C TYR C 5 -9.66 -0.55 2.44
N LEU C 6 -9.81 -0.34 3.74
CA LEU C 6 -11.13 -0.38 4.37
C LEU C 6 -10.99 0.44 5.60
N GLN C 7 -12.06 1.12 5.98
CA GLN C 7 -11.99 1.99 7.12
C GLN C 7 -13.03 1.50 8.12
N TYR C 8 -12.67 1.53 9.40
CA TYR C 8 -13.53 1.08 10.52
C TYR C 8 -14.83 1.86 10.54
N VAL C 9 -15.82 1.31 11.18
CA VAL C 9 -17.12 1.94 11.10
C VAL C 9 -17.23 3.06 12.17
N LYS D 1 13.64 -10.13 -6.71
CA LYS D 1 13.52 -8.64 -6.72
C LYS D 1 12.08 -8.23 -7.05
N GLU D 2 11.55 -7.23 -6.36
CA GLU D 2 10.14 -6.90 -6.54
C GLU D 2 9.95 -5.58 -7.26
N VAL D 3 10.66 -4.55 -6.81
CA VAL D 3 10.58 -3.25 -7.43
C VAL D 3 11.88 -2.91 -8.17
N GLU D 4 11.77 -2.85 -9.48
CA GLU D 4 12.91 -2.60 -10.36
C GLU D 4 12.97 -1.11 -10.69
N GLN D 5 14.11 -0.50 -10.43
CA GLN D 5 14.23 0.93 -10.66
C GLN D 5 15.51 1.28 -11.39
N ASN D 6 15.39 2.23 -12.33
CA ASN D 6 16.45 3.12 -12.82
C ASN D 6 17.69 3.16 -11.92
N SER D 7 18.84 2.70 -12.39
CA SER D 7 19.97 2.53 -11.46
C SER D 7 20.66 3.84 -11.05
N GLY D 8 20.99 4.69 -12.02
CA GLY D 8 21.61 5.99 -11.71
C GLY D 8 23.12 5.93 -11.64
N PRO D 9 23.79 7.09 -11.45
CA PRO D 9 23.26 8.45 -11.26
C PRO D 9 22.88 9.20 -12.54
N LEU D 10 21.64 9.65 -12.58
CA LEU D 10 21.03 10.38 -13.67
C LEU D 10 21.31 11.88 -13.56
N SER D 11 21.90 12.48 -14.60
CA SER D 11 22.34 13.88 -14.56
C SER D 11 21.47 14.78 -15.42
N VAL D 12 20.87 15.81 -14.83
CA VAL D 12 20.02 16.75 -15.57
C VAL D 12 20.36 18.20 -15.25
N PRO D 13 20.34 19.08 -16.26
CA PRO D 13 20.64 20.49 -16.05
C PRO D 13 19.44 21.29 -15.59
N GLU D 14 19.63 22.45 -14.98
CA GLU D 14 18.45 23.08 -14.38
C GLU D 14 17.46 23.68 -15.38
N GLY D 15 16.19 23.44 -15.10
CA GLY D 15 15.12 23.78 -16.02
C GLY D 15 14.61 22.55 -16.76
N ALA D 16 15.46 21.52 -16.82
CA ALA D 16 15.15 20.32 -17.59
C ALA D 16 14.18 19.40 -16.89
N ILE D 17 13.60 18.51 -17.67
CA ILE D 17 12.72 17.47 -17.17
C ILE D 17 13.54 16.25 -16.74
N ALA D 18 13.41 15.90 -15.46
CA ALA D 18 13.92 14.63 -14.93
C ALA D 18 12.80 13.59 -15.01
N SER D 19 13.10 12.42 -15.53
CA SER D 19 12.08 11.42 -15.73
C SER D 19 12.50 10.11 -15.12
N LEU D 20 11.87 9.74 -14.02
CA LEU D 20 12.19 8.54 -13.29
C LEU D 20 11.17 7.45 -13.57
N ASN D 21 11.62 6.30 -14.04
CA ASN D 21 10.76 5.15 -14.30
C ASN D 21 10.87 4.24 -13.10
N CYS D 22 9.86 3.40 -12.91
CA CYS D 22 9.88 2.37 -11.89
C CYS D 22 8.99 1.17 -12.27
N THR D 23 9.52 -0.04 -12.19
CA THR D 23 8.73 -1.21 -12.52
C THR D 23 8.50 -2.11 -11.30
N TYR D 24 7.33 -2.73 -11.18
CA TYR D 24 7.03 -3.66 -10.08
C TYR D 24 6.44 -4.96 -10.60
N SER D 25 6.38 -5.98 -9.74
CA SER D 25 6.03 -7.29 -10.23
C SER D 25 4.85 -7.99 -9.57
N ASP D 26 4.23 -7.42 -8.54
CA ASP D 26 2.96 -8.01 -8.07
C ASP D 26 1.83 -7.40 -8.85
N ARG D 27 1.13 -8.24 -9.61
CA ARG D 27 -0.06 -7.84 -10.38
C ARG D 27 -1.17 -7.17 -9.54
N GLY D 28 -1.28 -7.55 -8.28
CA GLY D 28 -2.35 -7.07 -7.45
C GLY D 28 -2.04 -5.82 -6.66
N SER D 29 -1.02 -5.10 -7.07
CA SER D 29 -0.61 -3.90 -6.36
C SER D 29 -1.61 -2.76 -6.55
N GLN D 30 -1.79 -1.92 -5.54
CA GLN D 30 -2.94 -1.04 -5.53
C GLN D 30 -2.62 0.34 -5.03
N SER D 31 -1.48 0.49 -4.40
CA SER D 31 -1.02 1.78 -3.98
C SER D 31 0.43 2.01 -4.37
N PHE D 32 0.66 3.20 -4.93
CA PHE D 32 1.91 3.53 -5.58
C PHE D 32 2.44 4.86 -5.07
N PHE D 33 3.72 4.91 -4.73
CA PHE D 33 4.31 6.07 -4.06
C PHE D 33 5.67 6.54 -4.55
N TRP D 34 5.92 7.85 -4.43
CA TRP D 34 7.28 8.37 -4.61
C TRP D 34 7.84 9.07 -3.38
N TYR D 35 9.03 8.64 -3.00
CA TYR D 35 9.69 9.29 -1.89
C TYR D 35 10.93 9.98 -2.39
N ARG D 36 11.32 11.06 -1.71
CA ARG D 36 12.49 11.86 -2.03
C ARG D 36 13.45 11.82 -0.86
N GLN D 37 14.71 11.51 -1.09
CA GLN D 37 15.65 11.45 0.01
C GLN D 37 16.94 12.26 -0.17
N TYR D 38 17.09 13.30 0.62
CA TYR D 38 18.33 14.05 0.60
C TYR D 38 19.36 13.31 1.41
N SER D 39 20.61 13.37 0.96
CA SER D 39 21.72 12.64 1.57
C SER D 39 21.94 13.00 3.04
N GLY D 40 21.82 12.03 3.93
CA GLY D 40 21.95 12.33 5.34
C GLY D 40 20.61 12.45 6.04
N LYS D 41 19.52 12.43 5.27
CA LYS D 41 18.20 12.69 5.82
C LYS D 41 17.30 11.49 5.54
N SER D 42 16.07 11.58 5.99
CA SER D 42 15.11 10.52 5.90
C SER D 42 14.27 10.66 4.65
N PRO D 43 13.72 9.53 4.12
CA PRO D 43 12.83 9.62 2.96
C PRO D 43 11.58 10.42 3.26
N GLU D 44 11.33 11.45 2.47
CA GLU D 44 10.13 12.25 2.62
C GLU D 44 9.19 11.88 1.47
N LEU D 45 7.90 11.71 1.76
CA LEU D 45 6.88 11.40 0.75
C LEU D 45 6.49 12.63 -0.06
N ILE D 46 6.40 12.49 -1.38
CA ILE D 46 6.05 13.62 -2.23
C ILE D 46 4.89 13.38 -3.21
N MET D 47 4.62 12.13 -3.57
CA MET D 47 3.57 11.81 -4.53
C MET D 47 2.97 10.44 -4.19
N SER D 48 1.64 10.41 -4.08
CA SER D 48 0.85 9.17 -4.00
C SER D 48 -0.06 9.06 -5.22
N ILE D 49 -0.05 7.91 -5.88
CA ILE D 49 -0.96 7.70 -7.00
C ILE D 49 -1.70 6.37 -6.86
N TYR D 50 -2.96 6.31 -7.31
CA TYR D 50 -3.76 5.10 -7.10
C TYR D 50 -4.49 4.64 -8.35
N SER D 51 -4.77 5.53 -9.28
CA SER D 51 -5.49 5.14 -10.49
C SER D 51 -4.69 5.51 -11.70
N ASN D 52 -4.97 4.82 -12.82
CA ASN D 52 -4.25 5.01 -14.05
C ASN D 52 -4.41 6.42 -14.55
N GLY D 53 -3.31 6.95 -15.10
CA GLY D 53 -3.30 8.29 -15.63
C GLY D 53 -2.28 9.18 -14.97
N ASP D 54 -2.50 10.48 -15.05
CA ASP D 54 -1.53 11.45 -14.55
C ASP D 54 -2.03 12.10 -13.28
N LYS D 55 -1.15 12.26 -12.32
CA LYS D 55 -1.47 13.11 -11.19
C LYS D 55 -0.42 14.21 -11.07
N GLU D 56 -0.86 15.47 -11.02
CA GLU D 56 0.07 16.58 -11.00
C GLU D 56 -0.04 17.36 -9.70
N ASP D 57 1.07 17.47 -8.97
CA ASP D 57 1.13 18.34 -7.79
C ASP D 57 2.36 19.25 -7.81
N GLY D 58 2.16 20.48 -8.27
CA GLY D 58 3.25 21.42 -8.41
C GLY D 58 4.08 21.10 -9.64
N ARG D 59 5.39 20.98 -9.44
CA ARG D 59 6.30 20.67 -10.53
C ARG D 59 6.45 19.15 -10.75
N PHE D 60 5.82 18.35 -9.87
CA PHE D 60 5.81 16.89 -10.02
C PHE D 60 4.62 16.37 -10.82
N THR D 61 4.86 15.34 -11.61
CA THR D 61 3.80 14.62 -12.26
C THR D 61 4.14 13.16 -12.13
N ALA D 62 3.30 12.38 -11.44
CA ALA D 62 3.46 10.94 -11.44
C ALA D 62 2.50 10.29 -12.42
N GLN D 63 2.91 9.20 -13.05
CA GLN D 63 1.98 8.47 -13.91
C GLN D 63 1.80 7.05 -13.44
N LEU D 64 0.68 6.47 -13.80
CA LEU D 64 0.46 5.09 -13.48
C LEU D 64 -0.09 4.30 -14.66
N ASN D 65 0.61 3.22 -14.96
CA ASN D 65 0.07 2.24 -15.88
C ASN D 65 0.19 0.85 -15.26
N LYS D 66 -0.88 0.48 -14.54
CA LYS D 66 -1.10 -0.86 -13.96
C LYS D 66 -1.08 -2.01 -14.99
N ALA D 67 -1.40 -1.69 -16.24
CA ALA D 67 -1.42 -2.69 -17.30
C ALA D 67 -0.02 -3.13 -17.73
N SER D 68 0.97 -2.24 -17.57
CA SER D 68 2.34 -2.58 -17.91
C SER D 68 3.25 -2.61 -16.70
N GLN D 69 2.64 -2.29 -15.57
CA GLN D 69 3.22 -2.36 -14.22
C GLN D 69 4.36 -1.41 -14.00
N TYR D 70 4.01 -0.14 -14.08
CA TYR D 70 4.95 0.92 -14.25
C TYR D 70 4.47 2.16 -13.53
N VAL D 71 5.32 2.72 -12.67
CA VAL D 71 5.07 4.00 -12.03
C VAL D 71 6.15 4.97 -12.46
N SER D 72 5.76 6.15 -12.91
CA SER D 72 6.80 7.10 -13.26
C SER D 72 6.65 8.39 -12.48
N LEU D 73 7.59 9.31 -12.66
CA LEU D 73 7.59 10.59 -11.98
C LEU D 73 8.42 11.56 -12.79
N LEU D 74 7.74 12.57 -13.31
CA LEU D 74 8.40 13.64 -14.04
C LEU D 74 8.62 14.75 -13.02
N ILE D 75 9.80 15.35 -13.04
CA ILE D 75 10.04 16.58 -12.31
C ILE D 75 10.26 17.68 -13.33
N ARG D 76 9.25 18.53 -13.50
CA ARG D 76 9.27 19.55 -14.53
C ARG D 76 9.98 20.79 -14.01
N ASP D 77 10.87 21.36 -14.79
CA ASP D 77 11.58 22.63 -14.48
C ASP D 77 12.41 22.47 -13.21
N SER D 78 13.54 21.77 -13.34
CA SER D 78 14.29 21.32 -12.18
C SER D 78 14.96 22.44 -11.37
N GLN D 79 14.74 22.42 -10.07
CA GLN D 79 15.27 23.41 -9.15
C GLN D 79 16.63 22.84 -8.69
N PRO D 80 17.52 23.66 -8.10
CA PRO D 80 18.75 23.07 -7.50
C PRO D 80 18.43 22.14 -6.32
N SER D 81 17.40 22.48 -5.58
CA SER D 81 16.97 21.70 -4.44
C SER D 81 16.17 20.45 -4.82
N ASP D 82 16.31 20.00 -6.06
CA ASP D 82 15.69 18.77 -6.48
C ASP D 82 16.70 17.64 -6.41
N SER D 83 17.96 17.99 -6.16
CA SER D 83 19.04 17.00 -6.07
C SER D 83 18.86 16.04 -4.88
N ALA D 84 18.52 14.80 -5.20
CA ALA D 84 18.26 13.78 -4.19
C ALA D 84 18.29 12.40 -4.82
N THR D 85 17.98 11.40 -3.99
CA THR D 85 17.63 10.11 -4.55
C THR D 85 16.15 9.85 -4.39
N TYR D 86 15.57 9.33 -5.46
CA TYR D 86 14.13 9.19 -5.51
C TYR D 86 13.77 7.73 -5.45
N LEU D 87 13.04 7.42 -4.37
CA LEU D 87 12.62 6.07 -3.99
C LEU D 87 11.20 5.79 -4.45
N CYS D 88 11.09 4.77 -5.30
CA CYS D 88 9.80 4.29 -5.76
C CYS D 88 9.28 3.26 -4.77
N ALA D 89 8.01 3.40 -4.35
CA ALA D 89 7.43 2.46 -3.37
C ALA D 89 6.05 1.96 -3.78
N VAL D 90 5.80 0.67 -3.58
CA VAL D 90 4.60 0.00 -4.10
C VAL D 90 3.95 -0.95 -3.04
N THR D 91 2.62 -0.89 -2.86
CA THR D 91 1.99 -1.90 -2.01
C THR D 91 0.68 -2.50 -2.54
N THR D 92 0.26 -3.61 -1.92
CA THR D 92 -0.98 -4.24 -2.37
C THR D 92 -2.19 -3.89 -1.52
N ASP D 93 -1.98 -3.59 -0.23
CA ASP D 93 -3.06 -3.36 0.68
C ASP D 93 -2.57 -2.87 2.03
N SER D 94 -3.50 -2.39 2.86
CA SER D 94 -3.28 -1.99 4.27
C SER D 94 -2.30 -2.83 5.04
N TRP D 95 -2.32 -4.14 4.80
CA TRP D 95 -1.47 -5.02 5.57
C TRP D 95 -0.30 -5.58 4.77
N GLY D 96 -0.26 -5.28 3.47
CA GLY D 96 0.84 -5.76 2.65
C GLY D 96 2.04 -4.87 2.84
N LYS D 97 3.21 -5.48 2.87
CA LYS D 97 4.51 -4.79 2.85
C LYS D 97 4.65 -3.71 1.78
N LEU D 98 5.27 -2.63 2.17
CA LEU D 98 5.57 -1.58 1.26
C LEU D 98 6.91 -1.93 0.62
N GLN D 99 6.84 -2.35 -0.63
CA GLN D 99 8.00 -2.72 -1.42
C GLN D 99 8.69 -1.51 -2.04
N PHE D 100 10.01 -1.35 -1.79
CA PHE D 100 10.80 -0.20 -2.24
C PHE D 100 11.79 -0.51 -3.37
N GLY D 101 11.98 0.45 -4.27
CA GLY D 101 13.08 0.33 -5.22
C GLY D 101 14.41 0.70 -4.58
N ALA D 102 15.51 0.47 -5.30
CA ALA D 102 16.83 0.84 -4.79
C ALA D 102 17.02 2.36 -4.74
N GLY D 103 16.30 3.06 -5.60
CA GLY D 103 16.40 4.50 -5.67
C GLY D 103 17.21 4.85 -6.87
N THR D 104 16.84 5.93 -7.55
CA THR D 104 17.67 6.53 -8.57
C THR D 104 18.20 7.87 -8.04
N GLN D 105 19.50 8.08 -8.14
CA GLN D 105 20.11 9.32 -7.66
C GLN D 105 20.08 10.41 -8.72
N VAL D 106 19.33 11.48 -8.45
CA VAL D 106 19.18 12.56 -9.44
C VAL D 106 20.01 13.80 -9.12
N VAL D 107 20.88 14.22 -10.06
CA VAL D 107 21.70 15.42 -9.89
C VAL D 107 21.24 16.56 -10.81
N VAL D 108 20.87 17.68 -10.20
CA VAL D 108 20.58 18.90 -10.95
C VAL D 108 21.79 19.83 -10.99
N THR D 109 22.39 19.90 -12.18
CA THR D 109 23.55 20.73 -12.45
C THR D 109 23.09 22.15 -12.83
N PRO D 110 23.79 23.18 -12.34
CA PRO D 110 23.36 24.56 -12.50
C PRO D 110 23.64 25.19 -13.87
N ASP D 111 22.84 26.21 -14.21
CA ASP D 111 23.04 27.04 -15.38
C ASP D 111 24.18 27.95 -15.03
N ILE D 112 25.33 27.79 -15.68
CA ILE D 112 26.41 28.70 -15.36
C ILE D 112 26.75 29.48 -16.63
N GLN D 113 26.19 30.68 -16.72
CA GLN D 113 26.12 31.40 -18.00
C GLN D 113 27.46 31.67 -18.67
N ASN D 114 28.45 32.13 -17.92
CA ASN D 114 29.82 32.14 -18.44
C ASN D 114 30.93 31.88 -17.43
N PRO D 115 31.45 30.65 -17.47
CA PRO D 115 32.46 30.11 -16.58
C PRO D 115 33.79 30.75 -16.85
N ASP D 116 34.65 30.79 -15.84
CA ASP D 116 36.07 30.69 -16.12
C ASP D 116 36.77 29.80 -15.10
N PRO D 117 37.04 28.55 -15.53
CA PRO D 117 37.76 27.48 -14.83
C PRO D 117 39.12 27.97 -14.35
N ALA D 118 39.40 27.71 -13.08
CA ALA D 118 40.62 28.21 -12.46
C ALA D 118 40.98 27.38 -11.23
N VAL D 119 42.29 27.28 -10.96
CA VAL D 119 42.77 26.58 -9.77
C VAL D 119 43.54 27.55 -8.86
N TYR D 120 43.08 27.75 -7.63
CA TYR D 120 43.82 28.62 -6.70
C TYR D 120 44.38 27.86 -5.50
N GLN D 121 45.45 28.41 -4.91
CA GLN D 121 46.00 27.87 -3.67
C GLN D 121 45.62 28.76 -2.50
N LEU D 122 45.17 28.14 -1.42
CA LEU D 122 44.82 28.86 -0.19
C LEU D 122 45.75 28.45 0.97
N ARG D 123 46.31 29.44 1.66
CA ARG D 123 47.03 29.20 2.90
C ARG D 123 46.02 29.42 4.01
N ASP D 124 46.24 28.82 5.17
CA ASP D 124 45.28 29.01 6.26
C ASP D 124 45.53 30.28 7.07
N SER D 125 44.70 30.47 8.09
CA SER D 125 44.84 31.61 8.99
C SER D 125 45.50 31.16 10.29
N LYS D 126 46.09 29.97 10.25
CA LYS D 126 46.69 29.36 11.43
C LYS D 126 47.85 28.42 11.10
N SER D 127 48.00 27.41 11.96
CA SER D 127 49.09 26.44 11.88
C SER D 127 48.57 24.99 11.88
N SER D 128 47.66 24.67 10.97
CA SER D 128 47.22 23.30 10.80
C SER D 128 47.80 22.78 9.49
N ASP D 129 48.96 22.13 9.59
CA ASP D 129 49.91 21.92 8.47
C ASP D 129 49.46 21.16 7.23
N LYS D 130 48.65 21.84 6.40
CA LYS D 130 48.32 21.42 5.04
C LYS D 130 48.01 22.66 4.22
N SER D 131 47.81 22.49 2.91
CA SER D 131 47.35 23.58 2.04
C SER D 131 46.37 23.10 0.96
N VAL D 132 45.53 24.01 0.50
CA VAL D 132 44.31 23.64 -0.22
C VAL D 132 44.30 24.18 -1.66
N CYS D 133 43.99 23.31 -2.64
CA CYS D 133 43.75 23.75 -4.01
C CYS D 133 42.26 23.83 -4.28
N LEU D 134 41.80 24.97 -4.75
CA LEU D 134 40.40 25.12 -5.08
C LEU D 134 40.22 25.21 -6.58
N PHE D 135 39.68 24.15 -7.18
CA PHE D 135 39.31 24.14 -8.60
C PHE D 135 37.90 24.69 -8.65
N THR D 136 37.68 25.79 -9.36
CA THR D 136 36.40 26.48 -9.27
C THR D 136 35.94 27.18 -10.54
N ASP D 137 34.65 27.55 -10.54
CA ASP D 137 33.94 28.28 -11.60
C ASP D 137 33.94 27.54 -12.94
N PHE D 138 33.84 26.23 -12.90
CA PHE D 138 34.00 25.46 -14.11
C PHE D 138 32.66 25.03 -14.65
N ASP D 139 32.73 24.30 -15.74
CA ASP D 139 31.58 23.88 -16.51
C ASP D 139 30.84 22.75 -15.84
N SER D 140 29.55 22.62 -16.14
CA SER D 140 28.80 21.52 -15.60
C SER D 140 28.97 20.28 -16.48
N GLN D 141 29.74 20.41 -17.55
CA GLN D 141 30.14 19.27 -18.35
C GLN D 141 31.40 18.60 -17.77
N THR D 142 31.91 19.13 -16.66
CA THR D 142 33.24 18.78 -16.18
C THR D 142 33.23 17.84 -14.98
N ASN D 143 33.87 16.68 -15.13
CA ASN D 143 34.05 15.75 -14.01
C ASN D 143 35.34 16.05 -13.26
N VAL D 144 35.37 15.72 -11.97
CA VAL D 144 36.61 15.75 -11.20
C VAL D 144 36.91 14.31 -10.71
N SER D 145 38.16 13.88 -10.79
CA SER D 145 38.48 12.47 -10.49
C SER D 145 39.34 12.30 -9.23
N GLN D 146 39.56 11.05 -8.82
CA GLN D 146 40.21 10.76 -7.54
C GLN D 146 40.97 9.42 -7.46
N SER D 147 42.30 9.50 -7.55
CA SER D 147 43.16 8.33 -7.29
C SER D 147 44.52 8.74 -6.72
N LYS D 148 45.52 8.78 -7.61
CA LYS D 148 46.96 8.96 -7.29
C LYS D 148 47.48 7.90 -6.31
N ASP D 149 48.36 8.32 -5.40
CA ASP D 149 48.64 7.55 -4.21
C ASP D 149 47.80 8.17 -3.10
N SER D 150 47.85 7.59 -1.90
CA SER D 150 46.87 7.91 -0.86
C SER D 150 47.09 9.23 -0.09
N ASP D 151 48.18 9.94 -0.39
CA ASP D 151 48.53 11.17 0.31
C ASP D 151 47.67 12.38 -0.08
N VAL D 152 47.18 12.37 -1.32
CA VAL D 152 46.42 13.49 -1.88
C VAL D 152 44.92 13.17 -1.94
N TYR D 153 44.13 13.96 -1.23
CA TYR D 153 42.69 13.75 -1.18
C TYR D 153 41.96 14.75 -2.07
N ILE D 154 41.09 14.27 -2.95
CA ILE D 154 40.23 15.16 -3.72
C ILE D 154 38.75 14.89 -3.43
N THR D 155 37.98 15.95 -3.18
CA THR D 155 36.57 15.83 -2.92
C THR D 155 35.82 15.87 -4.23
N ASP D 156 34.56 15.44 -4.21
CA ASP D 156 33.74 15.50 -5.41
C ASP D 156 33.24 16.93 -5.62
N LYS D 157 32.85 17.22 -6.85
CA LYS D 157 32.30 18.52 -7.23
C LYS D 157 30.96 18.83 -6.53
N THR D 158 30.84 20.03 -5.97
CA THR D 158 29.58 20.52 -5.42
C THR D 158 29.31 21.94 -5.90
N VAL D 159 28.08 22.42 -5.73
CA VAL D 159 27.60 23.72 -6.21
C VAL D 159 27.29 24.70 -5.06
N LEU D 160 27.77 25.94 -5.13
CA LEU D 160 27.28 26.97 -4.19
C LEU D 160 26.41 28.01 -4.91
N ASP D 161 25.66 28.81 -4.14
CA ASP D 161 24.63 29.69 -4.68
C ASP D 161 24.63 31.07 -4.02
N MET D 162 25.23 32.04 -4.72
CA MET D 162 25.22 33.41 -4.26
C MET D 162 23.97 34.12 -4.75
N ARG D 163 22.96 34.21 -3.89
CA ARG D 163 21.65 34.80 -4.26
C ARG D 163 21.63 36.34 -4.27
N SER D 164 22.52 36.95 -5.05
CA SER D 164 22.64 38.40 -5.09
C SER D 164 23.14 38.84 -6.46
N MET D 165 23.68 37.89 -7.22
CA MET D 165 24.07 38.13 -8.61
C MET D 165 23.30 37.14 -9.50
N ASP D 166 22.62 36.19 -8.84
CA ASP D 166 22.11 34.95 -9.45
C ASP D 166 23.34 34.19 -9.95
N PHE D 167 24.36 34.17 -9.10
CA PHE D 167 25.65 33.55 -9.40
C PHE D 167 25.74 32.22 -8.70
N LYS D 168 25.90 31.18 -9.48
CA LYS D 168 26.17 29.85 -8.98
C LYS D 168 27.54 29.46 -9.53
N SER D 169 28.25 28.60 -8.81
CA SER D 169 29.56 28.15 -9.25
C SER D 169 29.89 26.79 -8.67
N ASN D 170 30.40 25.90 -9.50
CA ASN D 170 30.88 24.62 -9.02
C ASN D 170 32.29 24.74 -8.46
N SER D 171 32.66 23.80 -7.60
CA SER D 171 33.99 23.76 -6.99
C SER D 171 34.33 22.37 -6.49
N ALA D 172 35.64 22.11 -6.38
CA ALA D 172 36.15 20.86 -5.83
C ALA D 172 37.46 21.17 -5.13
N VAL D 173 37.75 20.47 -4.05
CA VAL D 173 38.93 20.79 -3.24
C VAL D 173 39.93 19.64 -3.21
N ALA D 174 41.22 19.97 -3.36
CA ALA D 174 42.27 19.00 -3.12
C ALA D 174 43.29 19.48 -2.09
N TRP D 175 43.69 18.56 -1.21
CA TRP D 175 44.78 18.83 -0.26
C TRP D 175 45.61 17.59 0.02
N SER D 176 46.78 17.81 0.60
CA SER D 176 47.61 16.72 1.08
C SER D 176 48.20 17.13 2.43
N ASN D 177 48.55 16.15 3.25
CA ASN D 177 49.11 16.40 4.59
C ASN D 177 50.56 16.91 4.54
N LYS D 178 51.53 16.02 4.75
CA LYS D 178 52.91 16.35 4.43
C LYS D 178 53.01 16.25 2.91
N SER D 179 53.61 17.26 2.27
CA SER D 179 53.59 17.30 0.81
C SER D 179 54.79 17.96 0.12
N ASP D 180 54.94 17.60 -1.16
CA ASP D 180 55.80 18.27 -2.10
C ASP D 180 54.94 18.62 -3.31
N PHE D 181 53.66 18.87 -3.07
CA PHE D 181 52.70 19.02 -4.16
C PHE D 181 52.30 20.47 -4.43
N ALA D 182 51.81 20.72 -5.63
CA ALA D 182 51.38 22.05 -6.04
C ALA D 182 50.00 21.96 -6.66
N CYS D 183 49.41 23.10 -6.93
CA CYS D 183 48.02 23.18 -7.36
C CYS D 183 47.81 23.06 -8.87
N ALA D 184 48.81 23.46 -9.65
CA ALA D 184 48.74 23.30 -11.10
C ALA D 184 49.20 21.90 -11.52
N ASN D 185 48.80 20.90 -10.74
CA ASN D 185 49.33 19.54 -10.81
C ASN D 185 48.43 18.63 -9.98
N ALA D 186 47.60 19.23 -9.15
CA ALA D 186 46.79 18.49 -8.19
C ALA D 186 45.54 17.90 -8.82
N PHE D 187 45.16 18.42 -9.97
CA PHE D 187 44.00 17.92 -10.69
C PHE D 187 44.45 17.38 -12.03
N ASN D 188 45.62 16.75 -12.03
CA ASN D 188 46.17 16.09 -13.22
C ASN D 188 45.54 14.74 -13.51
N ASN D 189 44.83 14.20 -12.52
CA ASN D 189 44.09 12.95 -12.68
C ASN D 189 42.75 13.12 -13.38
N SER D 190 42.35 14.37 -13.61
CA SER D 190 41.06 14.70 -14.23
C SER D 190 41.24 15.27 -15.63
N ILE D 191 40.13 15.39 -16.37
CA ILE D 191 40.12 16.18 -17.60
C ILE D 191 39.82 17.65 -17.27
N ILE D 192 40.77 18.52 -17.59
CA ILE D 192 40.67 19.92 -17.27
C ILE D 192 40.78 20.70 -18.57
N PRO D 193 39.84 21.62 -18.82
CA PRO D 193 39.74 22.57 -19.95
C PRO D 193 41.04 23.26 -20.40
N GLU D 194 41.09 23.65 -21.67
CA GLU D 194 42.26 24.30 -22.26
C GLU D 194 42.54 25.72 -21.73
N ASP D 195 41.51 26.34 -21.17
CA ASP D 195 41.63 27.72 -20.71
C ASP D 195 41.57 27.77 -19.20
N THR D 196 42.02 26.69 -18.56
CA THR D 196 42.01 26.60 -17.09
C THR D 196 43.10 27.52 -16.54
N PHE D 197 42.66 28.48 -15.74
CA PHE D 197 43.45 29.64 -15.37
C PHE D 197 44.28 29.38 -14.10
N PHE D 198 45.58 29.16 -14.22
CA PHE D 198 46.44 29.02 -13.04
C PHE D 198 47.23 30.31 -12.86
N PRO D 199 46.86 31.13 -11.87
CA PRO D 199 47.47 32.45 -11.72
C PRO D 199 48.73 32.52 -10.83
N SER D 200 49.50 33.59 -11.01
CA SER D 200 50.73 33.89 -10.23
C SER D 200 51.74 32.75 -10.12
N ASN E 1 -0.22 15.24 15.30
CA ASN E 1 0.29 15.92 14.07
C ASN E 1 1.82 15.86 13.86
N ALA E 2 2.60 16.18 14.92
CA ALA E 2 4.09 16.03 15.03
C ALA E 2 4.84 14.84 14.37
N GLY E 3 4.12 13.82 13.88
CA GLY E 3 4.72 12.82 13.02
C GLY E 3 5.54 11.77 13.74
N VAL E 4 6.42 11.11 13.00
CA VAL E 4 7.32 10.12 13.60
C VAL E 4 8.56 10.80 14.19
N THR E 5 8.83 10.55 15.46
CA THR E 5 10.02 11.08 16.07
C THR E 5 11.01 9.93 16.31
N GLN E 6 12.31 10.22 16.37
CA GLN E 6 13.26 9.19 16.74
C GLN E 6 14.55 9.71 17.34
N THR E 7 14.91 9.12 18.46
CA THR E 7 16.01 9.59 19.24
C THR E 7 16.86 8.34 19.45
N PRO E 8 18.21 8.47 19.46
CA PRO E 8 19.03 9.63 19.15
C PRO E 8 19.30 9.72 17.63
N LYS E 9 19.89 10.84 17.16
CA LYS E 9 20.24 10.98 15.74
C LYS E 9 21.54 10.21 15.47
N PHE E 10 22.48 10.28 16.40
CA PHE E 10 23.76 9.64 16.18
C PHE E 10 24.16 8.72 17.32
N GLN E 11 24.90 7.65 17.04
CA GLN E 11 25.40 6.79 18.13
C GLN E 11 26.70 6.05 17.80
N VAL E 12 27.63 6.05 18.75
CA VAL E 12 28.77 5.15 18.67
C VAL E 12 28.58 4.10 19.73
N LEU E 13 28.86 2.85 19.39
CA LEU E 13 28.88 1.78 20.37
C LEU E 13 30.10 0.93 20.12
N LYS E 14 30.60 0.30 21.19
CA LYS E 14 31.57 -0.74 20.99
C LYS E 14 30.89 -2.12 20.95
N THR E 15 31.58 -3.09 20.37
CA THR E 15 31.12 -4.47 20.26
C THR E 15 30.76 -5.09 21.61
N GLY E 16 29.54 -5.63 21.69
CA GLY E 16 29.01 -6.16 22.94
C GLY E 16 27.90 -5.32 23.56
N GLN E 17 27.93 -4.00 23.31
CA GLN E 17 27.08 -3.04 24.04
C GLN E 17 25.63 -3.14 23.65
N SER E 18 24.75 -2.81 24.58
CA SER E 18 23.35 -2.74 24.21
C SER E 18 22.80 -1.32 24.18
N MET E 19 21.89 -1.06 23.24
CA MET E 19 21.15 0.19 23.25
C MET E 19 19.80 -0.04 22.71
N THR E 20 18.89 0.85 23.07
CA THR E 20 17.60 0.87 22.44
C THR E 20 17.44 2.17 21.66
N LEU E 21 16.80 2.07 20.49
CA LEU E 21 16.47 3.24 19.71
C LEU E 21 14.99 3.49 19.90
N GLN E 22 14.62 4.70 20.31
CA GLN E 22 13.23 5.05 20.50
C GLN E 22 12.58 5.50 19.22
N CYS E 23 11.29 5.24 19.13
CA CYS E 23 10.50 5.75 18.04
C CYS E 23 9.09 6.02 18.49
N ALA E 24 8.48 7.09 18.02
CA ALA E 24 7.16 7.43 18.50
C ALA E 24 6.38 8.03 17.37
N GLN E 25 5.08 8.16 17.56
CA GLN E 25 4.21 8.33 16.45
C GLN E 25 2.92 8.99 16.97
N ASP E 26 2.62 10.18 16.45
CA ASP E 26 1.60 11.10 16.99
C ASP E 26 0.20 10.81 16.46
N MET E 27 0.11 9.94 15.46
CA MET E 27 -0.99 9.94 14.51
C MET E 27 -1.99 8.83 14.63
N ASN E 28 -1.86 8.00 15.68
CA ASN E 28 -2.71 6.82 15.94
C ASN E 28 -2.64 5.77 14.87
N HIS E 29 -1.46 5.62 14.31
CA HIS E 29 -1.28 4.59 13.35
C HIS E 29 -1.15 3.22 14.03
N GLU E 30 -1.80 2.22 13.45
CA GLU E 30 -1.66 0.85 13.92
C GLU E 30 -0.35 0.19 13.49
N TYR E 31 0.24 0.64 12.38
CA TYR E 31 1.26 -0.15 11.68
C TYR E 31 2.61 0.58 11.68
N MET E 32 3.58 0.03 12.42
CA MET E 32 4.89 0.65 12.57
C MET E 32 6.02 -0.28 12.14
N SER E 33 6.99 0.21 11.38
CA SER E 33 8.04 -0.65 10.89
C SER E 33 9.38 -0.09 11.26
N TRP E 34 10.38 -0.98 11.33
CA TRP E 34 11.77 -0.61 11.49
C TRP E 34 12.61 -1.06 10.30
N TYR E 35 13.38 -0.14 9.73
CA TYR E 35 14.28 -0.45 8.63
C TYR E 35 15.74 -0.11 8.92
N ARG E 36 16.65 -0.74 8.19
CA ARG E 36 17.99 -0.27 8.11
C ARG E 36 18.28 0.07 6.67
N GLN E 37 19.12 1.08 6.44
CA GLN E 37 19.48 1.42 5.08
C GLN E 37 20.98 1.30 4.85
N ASP E 38 21.37 0.62 3.79
CA ASP E 38 22.79 0.37 3.55
C ASP E 38 23.19 0.59 2.08
N PRO E 39 24.29 1.34 1.86
CA PRO E 39 24.98 1.66 0.57
C PRO E 39 24.81 0.70 -0.62
N GLY E 40 24.75 -0.61 -0.39
CA GLY E 40 24.52 -1.55 -1.49
C GLY E 40 23.17 -2.26 -1.56
N MET E 41 22.35 -2.12 -0.51
CA MET E 41 21.12 -2.91 -0.41
C MET E 41 19.78 -2.15 -0.23
N GLY E 42 19.83 -0.82 -0.14
CA GLY E 42 18.62 -0.01 0.00
C GLY E 42 18.00 -0.20 1.36
N LEU E 43 16.69 0.03 1.47
CA LEU E 43 16.00 -0.18 2.73
C LEU E 43 15.74 -1.68 2.94
N ARG E 44 15.92 -2.16 4.16
CA ARG E 44 15.69 -3.56 4.46
C ARG E 44 14.89 -3.63 5.74
N LEU E 45 13.83 -4.44 5.75
CA LEU E 45 12.94 -4.44 6.92
C LEU E 45 13.40 -5.38 8.04
N ILE E 46 13.48 -4.84 9.24
CA ILE E 46 14.01 -5.57 10.41
C ILE E 46 12.92 -6.30 11.22
N HIS E 47 11.99 -5.52 11.79
CA HIS E 47 10.78 -6.01 12.48
C HIS E 47 9.60 -5.09 12.14
N TYR E 48 8.38 -5.50 12.42
CA TYR E 48 7.21 -4.65 12.23
C TYR E 48 6.01 -5.07 13.08
N SER E 49 5.05 -4.17 13.24
CA SER E 49 3.99 -4.43 14.18
C SER E 49 2.69 -3.95 13.60
N VAL E 50 1.73 -4.83 13.38
CA VAL E 50 0.52 -4.39 12.71
C VAL E 50 -0.56 -3.82 13.61
N GLY E 51 -0.32 -3.88 14.92
CA GLY E 51 -1.17 -3.24 15.96
C GLY E 51 -0.52 -3.21 17.36
N ALA E 52 -1.19 -2.63 18.35
CA ALA E 52 -0.61 -2.59 19.71
C ALA E 52 -0.49 -3.98 20.31
N GLY E 53 0.68 -4.29 20.86
CA GLY E 53 0.84 -5.53 21.58
C GLY E 53 1.31 -6.68 20.73
N ILE E 54 1.23 -6.56 19.42
CA ILE E 54 1.62 -7.62 18.51
C ILE E 54 2.79 -7.16 17.62
N THR E 55 3.73 -8.05 17.32
CA THR E 55 4.87 -7.70 16.47
C THR E 55 5.32 -8.96 15.72
N ASP E 56 6.09 -8.79 14.65
CA ASP E 56 6.67 -9.92 13.95
C ASP E 56 8.00 -9.54 13.26
N GLN E 57 8.74 -10.57 12.88
CA GLN E 57 10.04 -10.40 12.26
C GLN E 57 9.97 -10.01 10.77
N GLY E 58 10.91 -9.17 10.34
CA GLY E 58 10.99 -8.78 8.93
C GLY E 58 11.98 -9.63 8.16
N GLU E 59 12.57 -9.03 7.13
CA GLU E 59 13.58 -9.72 6.32
C GLU E 59 14.93 -9.81 7.02
N VAL E 60 15.29 -8.80 7.80
CA VAL E 60 16.55 -8.89 8.55
C VAL E 60 16.46 -8.78 10.09
N PRO E 61 15.81 -9.76 10.74
CA PRO E 61 15.53 -9.52 12.16
C PRO E 61 16.65 -9.80 13.13
N ASN E 62 17.62 -10.63 12.75
CA ASN E 62 18.65 -11.13 13.63
C ASN E 62 19.52 -10.04 14.25
N GLY E 63 19.64 -10.12 15.58
CA GLY E 63 20.39 -9.17 16.38
C GLY E 63 19.51 -8.08 16.93
N TYR E 64 18.26 -8.06 16.51
CA TYR E 64 17.42 -6.93 16.86
C TYR E 64 16.21 -7.39 17.59
N ASN E 65 15.61 -6.48 18.31
CA ASN E 65 14.56 -6.83 19.21
C ASN E 65 13.58 -5.68 19.26
N VAL E 66 12.31 -5.98 19.49
CA VAL E 66 11.26 -5.00 19.36
C VAL E 66 10.08 -5.31 20.29
N SER E 67 9.45 -4.27 20.81
CA SER E 67 8.15 -4.49 21.46
C SER E 67 7.22 -3.34 21.14
N ARG E 68 5.92 -3.60 21.09
CA ARG E 68 4.95 -2.56 20.87
C ARG E 68 3.97 -2.54 22.02
N SER E 69 4.40 -2.06 23.17
CA SER E 69 3.47 -2.13 24.29
C SER E 69 2.36 -1.07 24.21
N THR E 70 2.62 0.06 23.56
CA THR E 70 1.54 1.02 23.30
C THR E 70 1.48 1.31 21.82
N THR E 71 0.40 1.93 21.38
CA THR E 71 0.25 2.20 19.95
C THR E 71 1.19 3.33 19.53
N GLU E 72 1.56 4.19 20.47
CA GLU E 72 2.49 5.29 20.23
C GLU E 72 3.95 4.85 20.01
N ASP E 73 4.47 3.94 20.84
CA ASP E 73 5.91 3.66 20.84
C ASP E 73 6.32 2.34 20.24
N PHE E 74 7.36 2.37 19.42
CA PHE E 74 7.95 1.12 18.90
C PHE E 74 9.49 0.95 19.14
N PRO E 75 9.94 0.82 20.38
CA PRO E 75 11.41 0.74 20.60
C PRO E 75 12.17 -0.48 20.01
N LEU E 76 13.31 -0.23 19.37
CA LEU E 76 14.14 -1.31 18.83
C LEU E 76 15.31 -1.63 19.76
N ARG E 77 15.41 -2.83 20.33
CA ARG E 77 16.62 -3.11 21.16
C ARG E 77 17.66 -3.80 20.32
N LEU E 78 18.91 -3.43 20.52
CA LEU E 78 20.06 -4.19 20.01
C LEU E 78 20.72 -4.75 21.22
N LEU E 79 20.63 -6.05 21.48
CA LEU E 79 21.09 -6.51 22.79
C LEU E 79 22.59 -6.80 22.84
N SER E 80 23.20 -7.11 21.71
CA SER E 80 24.67 -7.14 21.64
C SER E 80 25.15 -6.66 20.28
N ALA E 81 25.69 -5.44 20.26
CA ALA E 81 26.12 -4.80 19.04
C ALA E 81 27.28 -5.53 18.35
N ALA E 82 27.08 -5.75 17.07
CA ALA E 82 28.09 -6.30 16.18
C ALA E 82 28.40 -5.17 15.21
N PRO E 83 29.67 -5.09 14.73
CA PRO E 83 30.09 -4.10 13.72
C PRO E 83 29.26 -4.03 12.42
N SER E 84 28.54 -5.10 12.10
CA SER E 84 27.77 -5.15 10.87
C SER E 84 26.40 -4.53 11.07
N GLN E 85 26.13 -4.02 12.26
CA GLN E 85 24.89 -3.30 12.57
C GLN E 85 25.08 -1.79 12.50
N THR E 86 26.28 -1.40 12.07
CA THR E 86 26.57 -0.06 11.60
C THR E 86 25.72 0.25 10.37
N SER E 87 24.85 1.24 10.52
CA SER E 87 23.87 1.57 9.50
C SER E 87 23.09 2.80 9.88
N VAL E 88 22.21 3.18 8.99
CA VAL E 88 21.22 4.17 9.29
C VAL E 88 19.96 3.40 9.54
N TYR E 89 19.33 3.67 10.67
CA TYR E 89 18.08 3.02 11.04
C TYR E 89 16.91 3.96 10.96
N PHE E 90 15.89 3.57 10.22
CA PHE E 90 14.69 4.40 10.06
C PHE E 90 13.45 3.76 10.62
N CYS E 91 12.85 4.41 11.58
CA CYS E 91 11.54 4.03 12.05
C CYS E 91 10.49 4.54 11.04
N ALA E 92 9.34 3.90 10.97
CA ALA E 92 8.35 4.28 9.98
C ALA E 92 6.97 3.95 10.47
N SER E 93 5.97 4.68 10.01
CA SER E 93 4.64 4.42 10.48
C SER E 93 3.57 4.62 9.43
N ARG E 94 2.58 3.74 9.42
CA ARG E 94 1.50 3.77 8.45
C ARG E 94 0.16 3.34 9.12
N PRO E 95 -1.01 3.79 8.59
CA PRO E 95 -2.29 3.58 9.26
C PRO E 95 -2.72 2.13 9.60
N GLY E 96 -2.45 1.19 8.70
CA GLY E 96 -2.96 -0.16 8.90
C GLY E 96 -4.45 -0.13 8.58
N LEU E 97 -5.28 -0.53 9.54
CA LEU E 97 -6.71 -0.50 9.31
C LEU E 97 -7.37 0.76 9.90
N ALA E 98 -6.54 1.61 10.53
CA ALA E 98 -6.97 2.75 11.36
C ALA E 98 -7.59 3.92 10.62
N GLY E 99 -7.36 4.00 9.32
CA GLY E 99 -8.05 5.02 8.55
C GLY E 99 -7.30 6.35 8.56
N GLY E 100 -6.89 6.76 7.36
CA GLY E 100 -6.18 8.00 7.20
C GLY E 100 -5.71 7.92 5.77
N ARG E 101 -4.82 8.83 5.39
CA ARG E 101 -4.14 8.76 4.14
C ARG E 101 -3.24 7.52 4.24
N PRO E 102 -3.36 6.58 3.27
CA PRO E 102 -2.65 5.29 3.16
C PRO E 102 -1.13 5.34 3.26
N GLU E 103 -0.60 6.54 3.37
CA GLU E 103 0.79 6.84 3.20
C GLU E 103 1.62 6.43 4.42
N GLN E 104 2.77 5.80 4.19
CA GLN E 104 3.73 5.51 5.28
C GLN E 104 4.69 6.67 5.44
N TYR E 105 4.89 7.12 6.67
CA TYR E 105 5.75 8.26 6.96
C TYR E 105 6.97 7.78 7.75
N PHE E 106 8.14 8.33 7.46
CA PHE E 106 9.39 7.84 8.06
C PHE E 106 9.89 8.76 9.14
N GLY E 107 10.65 8.19 10.05
CA GLY E 107 11.26 8.95 11.12
C GLY E 107 12.53 9.54 10.62
N PRO E 108 13.12 10.47 11.39
CA PRO E 108 14.26 11.23 10.91
C PRO E 108 15.58 10.44 10.94
N GLY E 109 15.56 9.24 11.51
CA GLY E 109 16.67 8.36 11.39
C GLY E 109 17.67 8.38 12.53
N THR E 110 18.40 7.28 12.66
CA THR E 110 19.41 7.15 13.67
C THR E 110 20.64 6.59 12.99
N ARG E 111 21.73 7.34 13.02
CA ARG E 111 22.94 6.87 12.37
C ARG E 111 23.84 6.20 13.40
N LEU E 112 24.07 4.91 13.26
CA LEU E 112 24.80 4.16 14.28
C LEU E 112 26.13 3.58 13.80
N THR E 113 27.22 3.87 14.51
CA THR E 113 28.46 3.20 14.19
C THR E 113 28.85 2.19 15.27
N VAL E 114 29.09 0.96 14.87
CA VAL E 114 29.59 0.01 15.85
C VAL E 114 31.07 -0.31 15.65
N THR E 115 31.91 0.08 16.61
CA THR E 115 33.36 -0.11 16.45
C THR E 115 33.98 -1.17 17.36
N GLU E 116 34.99 -1.88 16.84
CA GLU E 116 35.61 -2.99 17.56
C GLU E 116 36.24 -2.49 18.86
N ASP E 117 36.96 -1.39 18.77
CA ASP E 117 37.68 -0.81 19.90
C ASP E 117 37.27 0.65 19.90
N LEU E 118 37.06 1.28 21.05
CA LEU E 118 36.69 2.69 20.96
C LEU E 118 37.84 3.69 21.16
N LYS E 119 39.06 3.15 21.04
CA LYS E 119 40.29 3.90 20.80
C LYS E 119 40.36 4.36 19.34
N ASN E 120 39.40 3.88 18.54
CA ASN E 120 39.20 4.34 17.18
C ASN E 120 38.47 5.68 17.08
N VAL E 121 37.86 6.14 18.18
CA VAL E 121 37.01 7.34 18.12
C VAL E 121 37.85 8.61 18.25
N PHE E 122 37.81 9.45 17.22
CA PHE E 122 38.61 10.67 17.17
C PHE E 122 37.70 11.82 16.81
N PRO E 123 37.90 12.99 17.44
CA PRO E 123 37.15 14.22 17.05
C PRO E 123 37.83 14.88 15.84
N PRO E 124 37.14 15.80 15.14
CA PRO E 124 37.83 16.50 14.06
C PRO E 124 38.76 17.61 14.47
N GLU E 125 39.76 17.85 13.62
CA GLU E 125 40.56 19.08 13.66
C GLU E 125 40.01 19.99 12.57
N VAL E 126 39.81 21.27 12.87
CA VAL E 126 39.11 22.14 11.95
C VAL E 126 40.02 23.28 11.60
N ALA E 127 40.13 23.59 10.33
CA ALA E 127 40.98 24.66 9.85
C ALA E 127 40.24 25.49 8.81
N VAL E 128 40.53 26.79 8.75
CA VAL E 128 39.94 27.66 7.74
C VAL E 128 41.01 28.23 6.82
N PHE E 129 40.85 28.00 5.52
CA PHE E 129 41.83 28.43 4.56
C PHE E 129 41.29 29.67 3.85
N GLU E 130 42.13 30.72 3.89
CA GLU E 130 41.78 32.07 3.50
C GLU E 130 41.93 32.21 2.00
N PRO E 131 41.04 32.98 1.34
CA PRO E 131 40.99 33.14 -0.11
C PRO E 131 42.30 33.65 -0.70
N SER E 132 42.62 33.20 -1.90
CA SER E 132 43.84 33.64 -2.59
C SER E 132 43.63 35.06 -3.05
N GLU E 133 44.74 35.79 -3.21
CA GLU E 133 44.68 37.16 -3.72
C GLU E 133 44.28 37.12 -5.18
N ALA E 134 44.75 36.08 -5.86
CA ALA E 134 44.49 35.79 -7.26
C ALA E 134 43.01 35.79 -7.62
N GLU E 135 42.21 35.00 -6.88
CA GLU E 135 40.76 34.87 -7.08
C GLU E 135 40.02 36.19 -6.94
N ILE E 136 40.37 36.92 -5.88
CA ILE E 136 39.91 38.29 -5.64
C ILE E 136 40.29 39.24 -6.80
N SER E 137 41.52 39.09 -7.29
CA SER E 137 41.98 39.91 -8.39
C SER E 137 41.44 39.44 -9.76
N HIS E 138 40.96 38.21 -9.83
CA HIS E 138 40.47 37.67 -11.10
C HIS E 138 38.94 37.62 -11.20
N THR E 139 38.24 37.48 -10.06
CA THR E 139 36.78 37.31 -10.11
C THR E 139 35.97 38.36 -9.35
N GLN E 140 36.64 39.16 -8.53
CA GLN E 140 36.03 40.05 -7.51
C GLN E 140 35.20 39.31 -6.46
N LYS E 141 35.54 38.05 -6.23
CA LYS E 141 34.83 37.17 -5.30
C LYS E 141 35.86 36.46 -4.47
N ALA E 142 35.45 35.94 -3.31
CA ALA E 142 36.40 35.33 -2.37
C ALA E 142 35.89 34.08 -1.66
N THR E 143 36.49 32.94 -1.99
CA THR E 143 36.12 31.68 -1.37
C THR E 143 37.00 31.33 -0.19
N LEU E 144 36.38 31.24 0.99
CA LEU E 144 36.95 30.57 2.15
C LEU E 144 36.66 29.06 2.06
N VAL E 145 37.64 28.21 2.38
CA VAL E 145 37.28 26.82 2.63
C VAL E 145 37.61 26.36 4.03
N CYS E 146 36.82 25.40 4.49
CA CYS E 146 36.98 24.81 5.78
C CYS E 146 37.33 23.36 5.61
N LEU E 147 38.32 22.90 6.37
CA LEU E 147 38.60 21.48 6.40
C LEU E 147 38.29 20.90 7.78
N ALA E 148 37.45 19.87 7.82
CA ALA E 148 37.23 19.07 9.02
C ALA E 148 37.93 17.76 8.75
N THR E 149 38.86 17.35 9.61
CA THR E 149 39.71 16.20 9.28
C THR E 149 39.96 15.24 10.44
N GLY E 150 40.20 13.97 10.09
CA GLY E 150 40.68 12.95 11.02
C GLY E 150 39.70 12.55 12.10
N PHE E 151 38.43 12.47 11.76
CA PHE E 151 37.44 12.16 12.76
C PHE E 151 36.82 10.80 12.52
N TYR E 152 36.29 10.22 13.60
CA TYR E 152 35.62 8.94 13.55
C TYR E 152 34.64 8.89 14.70
N PRO E 153 33.40 8.45 14.44
CA PRO E 153 32.80 8.11 13.15
C PRO E 153 32.38 9.36 12.37
N ASP E 154 31.92 9.16 11.14
CA ASP E 154 31.50 10.23 10.25
C ASP E 154 30.20 10.85 10.72
N HIS E 155 30.20 11.38 11.94
CA HIS E 155 28.99 11.82 12.58
C HIS E 155 29.25 13.26 12.90
N VAL E 156 29.19 14.08 11.85
CA VAL E 156 29.43 15.50 11.99
C VAL E 156 28.39 16.35 11.29
N GLU E 157 28.30 17.60 11.74
CA GLU E 157 27.41 18.54 11.12
C GLU E 157 28.22 19.81 10.98
N LEU E 158 28.27 20.35 9.76
CA LEU E 158 29.06 21.54 9.50
C LEU E 158 28.15 22.72 9.20
N SER E 159 28.54 23.89 9.70
CA SER E 159 27.79 25.13 9.49
C SER E 159 28.72 26.34 9.53
N TRP E 160 28.43 27.34 8.70
CA TRP E 160 29.20 28.57 8.72
C TRP E 160 28.46 29.68 9.42
N TRP E 161 29.22 30.46 10.19
CA TRP E 161 28.67 31.55 10.96
C TRP E 161 29.45 32.80 10.58
N VAL E 162 28.80 33.78 9.95
CA VAL E 162 29.45 35.08 9.72
C VAL E 162 28.81 36.20 10.55
N ASN E 163 29.68 36.98 11.19
CA ASN E 163 29.32 38.01 12.18
C ASN E 163 28.31 37.59 13.25
N GLY E 164 28.38 36.33 13.66
CA GLY E 164 27.54 35.85 14.74
C GLY E 164 26.32 35.09 14.28
N LYS E 165 25.81 35.39 13.09
CA LYS E 165 24.61 34.72 12.59
C LYS E 165 25.01 33.62 11.62
N GLU E 166 24.17 32.60 11.49
CA GLU E 166 24.49 31.45 10.64
C GLU E 166 24.20 31.75 9.18
N VAL E 167 25.14 31.47 8.29
CA VAL E 167 24.85 31.63 6.86
C VAL E 167 24.59 30.34 6.06
N HIS E 168 23.70 30.46 5.09
CA HIS E 168 23.34 29.33 4.25
C HIS E 168 23.56 29.74 2.82
N SER E 169 23.89 31.01 2.66
CA SER E 169 23.55 31.69 1.45
C SER E 169 24.77 31.93 0.57
N GLY E 170 25.85 31.22 0.86
CA GLY E 170 27.00 31.20 -0.03
C GLY E 170 27.71 29.87 0.06
N VAL E 171 27.14 28.95 0.83
CA VAL E 171 27.87 27.75 1.24
C VAL E 171 27.62 26.53 0.35
N SER E 172 28.66 25.70 0.19
CA SER E 172 28.47 24.33 -0.24
C SER E 172 29.39 23.43 0.59
N THR E 173 28.78 22.45 1.27
CA THR E 173 29.48 21.42 2.01
C THR E 173 29.36 20.12 1.24
N ASP E 174 30.38 19.27 1.29
CA ASP E 174 30.33 17.90 0.76
C ASP E 174 29.11 17.14 1.29
N PRO E 175 28.44 16.36 0.44
CA PRO E 175 27.24 15.66 0.87
C PRO E 175 27.51 14.53 1.86
N GLN E 176 28.75 14.03 1.86
CA GLN E 176 29.16 12.91 2.71
C GLN E 176 30.64 13.10 2.97
N PRO E 177 31.12 12.77 4.18
CA PRO E 177 32.56 12.77 4.42
C PRO E 177 33.30 11.68 3.67
N LEU E 178 34.55 11.98 3.35
CA LEU E 178 35.40 11.09 2.59
C LEU E 178 36.23 10.26 3.55
N LYS E 179 36.45 9.00 3.19
CA LYS E 179 37.34 8.10 3.94
C LYS E 179 38.77 8.50 3.67
N GLU E 180 39.55 8.71 4.73
CA GLU E 180 40.94 9.16 4.58
C GLU E 180 41.86 8.03 4.14
N GLN E 181 41.49 6.81 4.48
CA GLN E 181 42.21 5.63 4.02
C GLN E 181 41.25 4.51 3.70
N PRO E 182 40.75 4.45 2.46
CA PRO E 182 39.78 3.44 2.03
C PRO E 182 40.34 2.02 1.91
N ALA E 183 40.73 1.44 3.03
CA ALA E 183 41.19 0.07 3.12
C ALA E 183 40.90 -0.47 4.52
N LEU E 184 40.54 0.44 5.42
CA LEU E 184 40.34 0.09 6.82
C LEU E 184 38.90 0.30 7.28
N ASN E 185 38.47 -0.55 8.22
CA ASN E 185 37.20 -0.39 8.92
C ASN E 185 37.32 0.61 10.07
N ASP E 186 38.57 0.83 10.46
CA ASP E 186 38.94 1.78 11.47
C ASP E 186 38.96 3.20 10.90
N SER E 187 39.07 3.30 9.57
CA SER E 187 39.41 4.54 8.84
C SER E 187 38.74 5.86 9.24
N ARG E 188 39.54 6.86 9.54
CA ARG E 188 39.02 8.14 9.96
C ARG E 188 38.59 9.00 8.79
N TYR E 189 37.88 10.07 9.06
CA TYR E 189 37.14 10.73 8.00
C TYR E 189 37.52 12.19 7.86
N ALA E 190 37.19 12.76 6.71
CA ALA E 190 37.47 14.16 6.45
C ALA E 190 36.31 14.81 5.69
N LEU E 191 36.10 16.12 5.92
CA LEU E 191 35.00 16.82 5.26
C LEU E 191 35.37 18.25 4.86
N SER E 192 35.02 18.64 3.64
CA SER E 192 35.30 20.01 3.23
C SER E 192 34.02 20.83 3.01
N SER E 193 34.12 22.13 3.30
CA SER E 193 33.06 23.06 2.87
C SER E 193 33.56 24.42 2.39
N ARG E 194 32.73 25.08 1.60
CA ARG E 194 33.11 26.27 0.83
C ARG E 194 32.19 27.42 1.19
N LEU E 195 32.74 28.54 1.63
CA LEU E 195 31.95 29.76 1.75
C LEU E 195 32.49 30.85 0.83
N ARG E 196 31.67 31.29 -0.12
CA ARG E 196 32.09 32.33 -1.05
C ARG E 196 31.30 33.63 -0.84
N VAL E 197 32.03 34.70 -0.60
CA VAL E 197 31.45 36.03 -0.44
C VAL E 197 32.06 36.99 -1.46
N SER E 198 31.61 38.24 -1.46
CA SER E 198 32.17 39.25 -2.37
C SER E 198 33.51 39.75 -1.84
N ALA E 199 34.28 40.39 -2.71
CA ALA E 199 35.60 40.90 -2.35
C ALA E 199 35.53 42.02 -1.32
N THR E 200 34.55 42.91 -1.48
CA THR E 200 34.38 44.03 -0.54
C THR E 200 33.77 43.57 0.78
N PHE E 201 33.17 42.39 0.79
CA PHE E 201 32.74 41.81 2.05
C PHE E 201 33.88 41.05 2.72
N TRP E 202 34.83 40.52 1.95
CA TRP E 202 35.95 39.81 2.57
C TRP E 202 37.01 40.78 3.05
N GLN E 203 37.30 41.81 2.23
CA GLN E 203 38.40 42.73 2.54
C GLN E 203 38.14 43.74 3.68
N ASP E 204 36.90 43.76 4.19
CA ASP E 204 36.55 44.50 5.39
C ASP E 204 37.10 43.70 6.57
N PRO E 205 37.93 44.32 7.42
CA PRO E 205 38.40 43.56 8.59
C PRO E 205 37.45 43.54 9.80
N ARG E 206 36.22 44.01 9.62
CA ARG E 206 35.19 43.99 10.66
C ARG E 206 34.52 42.61 10.63
N ASN E 207 34.57 41.96 9.47
CA ASN E 207 33.90 40.69 9.25
C ASN E 207 34.62 39.47 9.80
N HIS E 208 33.93 38.77 10.69
CA HIS E 208 34.41 37.53 11.32
C HIS E 208 33.73 36.30 10.70
N PHE E 209 34.54 35.36 10.20
CA PHE E 209 34.04 34.15 9.60
C PHE E 209 34.37 32.94 10.52
N ARG E 210 33.40 32.10 10.84
CA ARG E 210 33.71 30.94 11.66
C ARG E 210 33.13 29.65 11.11
N CYS E 211 33.99 28.66 10.92
CA CYS E 211 33.58 27.32 10.53
C CYS E 211 33.29 26.46 11.76
N GLN E 212 32.09 25.93 11.86
CA GLN E 212 31.69 25.16 13.04
C GLN E 212 31.46 23.69 12.69
N VAL E 213 32.09 22.78 13.43
CA VAL E 213 31.79 21.34 13.29
C VAL E 213 31.25 20.71 14.58
N GLN E 214 29.98 20.33 14.56
CA GLN E 214 29.43 19.59 15.69
C GLN E 214 29.81 18.14 15.43
N PHE E 215 30.38 17.50 16.42
CA PHE E 215 30.81 16.12 16.29
C PHE E 215 30.10 15.31 17.34
N TYR E 216 29.70 14.08 17.00
CA TYR E 216 29.07 13.17 17.97
C TYR E 216 29.93 11.97 18.33
N GLY E 217 30.26 11.84 19.61
CA GLY E 217 31.18 10.78 20.02
C GLY E 217 30.70 10.09 21.26
N LEU E 218 31.53 10.14 22.29
CA LEU E 218 31.25 9.46 23.54
C LEU E 218 30.45 10.39 24.44
N SER E 219 30.06 9.89 25.60
CA SER E 219 29.49 10.79 26.59
C SER E 219 30.47 10.99 27.73
N GLU E 220 30.13 11.94 28.60
CA GLU E 220 30.96 12.31 29.74
C GLU E 220 31.04 11.15 30.75
N ASN E 221 30.02 10.29 30.70
CA ASN E 221 29.94 9.02 31.43
C ASN E 221 31.06 8.02 31.15
N ASP E 222 31.58 8.02 29.93
CA ASP E 222 32.33 6.87 29.41
C ASP E 222 33.71 6.64 30.03
N GLU E 223 34.02 5.37 30.21
CA GLU E 223 35.31 4.90 30.71
C GLU E 223 36.37 5.27 29.70
N TRP E 224 37.36 6.06 30.14
CA TRP E 224 38.40 6.52 29.22
C TRP E 224 39.77 6.61 29.85
N THR E 225 40.71 5.86 29.31
CA THR E 225 42.07 5.87 29.84
C THR E 225 43.14 5.86 28.74
N GLN E 226 43.14 6.90 27.92
CA GLN E 226 44.27 7.19 27.05
C GLN E 226 44.81 8.54 27.51
N ASP E 227 46.03 8.88 27.15
CA ASP E 227 46.56 10.21 27.49
C ASP E 227 46.20 11.24 26.42
N ARG E 228 45.55 10.74 25.38
CA ARG E 228 44.82 11.53 24.43
C ARG E 228 43.55 12.02 25.14
N ALA E 229 43.07 13.21 24.79
CA ALA E 229 41.81 13.71 25.33
C ALA E 229 40.60 12.90 24.87
N LYS E 230 39.75 12.60 25.86
CA LYS E 230 38.50 11.87 25.71
C LYS E 230 37.63 12.51 24.65
N PRO E 231 37.29 11.75 23.60
CA PRO E 231 36.67 12.22 22.36
C PRO E 231 35.18 12.32 22.49
N VAL E 232 34.70 13.21 23.34
CA VAL E 232 33.28 13.30 23.61
C VAL E 232 32.48 13.97 22.49
N THR E 233 31.17 14.03 22.63
CA THR E 233 30.36 14.87 21.78
C THR E 233 30.70 16.32 22.09
N GLN E 234 31.10 17.07 21.05
CA GLN E 234 31.72 18.36 21.20
C GLN E 234 31.68 19.12 19.88
N ILE E 235 31.74 20.44 19.97
CA ILE E 235 31.81 21.31 18.81
C ILE E 235 33.24 21.76 18.60
N VAL E 236 33.80 21.58 17.41
CA VAL E 236 35.14 22.08 17.16
C VAL E 236 35.02 23.14 16.08
N SER E 237 35.55 24.34 16.38
CA SER E 237 35.46 25.55 15.53
C SER E 237 36.81 26.00 14.95
N ALA E 238 36.78 26.53 13.74
CA ALA E 238 37.90 27.37 13.29
C ALA E 238 37.42 28.68 12.69
N GLU E 239 38.31 29.66 12.69
CA GLU E 239 37.92 30.99 12.28
C GLU E 239 38.95 31.72 11.44
N ALA E 240 38.49 32.79 10.80
CA ALA E 240 39.33 33.75 10.11
C ALA E 240 38.71 35.13 10.14
N TRP E 241 39.58 36.12 9.98
CA TRP E 241 39.18 37.51 9.94
C TRP E 241 39.55 38.13 8.60
N GLY E 242 38.71 39.06 8.13
CA GLY E 242 38.99 39.84 6.94
C GLY E 242 40.34 40.55 6.91
N ARG E 243 41.05 40.38 5.81
CA ARG E 243 42.39 40.94 5.63
C ARG E 243 42.30 42.15 4.70
N ALA E 244 42.59 43.32 5.27
CA ALA E 244 42.43 44.62 4.60
C ALA E 244 43.49 44.89 3.55
N ASP E 245 43.37 44.26 2.39
CA ASP E 245 44.31 44.52 1.30
C ASP E 245 43.66 45.35 0.20
#